data_9EFY
# 
_entry.id   9EFY 
# 
_audit_conform.dict_name       mmcif_pdbx.dic 
_audit_conform.dict_version    5.403 
_audit_conform.dict_location   http://mmcif.pdb.org/dictionaries/ascii/mmcif_pdbx.dic 
# 
loop_
_database_2.database_id 
_database_2.database_code 
_database_2.pdbx_database_accession 
_database_2.pdbx_DOI 
PDB   9EFY         pdb_00009efy 10.2210/pdb9efy/pdb 
WWPDB D_1000289605 ?            ?                   
# 
loop_
_pdbx_audit_revision_history.ordinal 
_pdbx_audit_revision_history.data_content_type 
_pdbx_audit_revision_history.major_revision 
_pdbx_audit_revision_history.minor_revision 
_pdbx_audit_revision_history.revision_date 
_pdbx_audit_revision_history.part_number 
1 'Structure model' 1 0 2025-05-21 ? 
2 'Structure model' 1 1 2025-06-04 ? 
# 
_pdbx_audit_revision_details.ordinal             1 
_pdbx_audit_revision_details.revision_ordinal    1 
_pdbx_audit_revision_details.data_content_type   'Structure model' 
_pdbx_audit_revision_details.provider            repository 
_pdbx_audit_revision_details.type                'Initial release' 
_pdbx_audit_revision_details.description         ? 
_pdbx_audit_revision_details.details             ? 
# 
_pdbx_audit_revision_group.ordinal             1 
_pdbx_audit_revision_group.revision_ordinal    2 
_pdbx_audit_revision_group.data_content_type   'Structure model' 
_pdbx_audit_revision_group.group               'Database references' 
# 
loop_
_pdbx_audit_revision_category.ordinal 
_pdbx_audit_revision_category.revision_ordinal 
_pdbx_audit_revision_category.data_content_type 
_pdbx_audit_revision_category.category 
1 2 'Structure model' citation        
2 2 'Structure model' citation_author 
# 
loop_
_pdbx_audit_revision_item.ordinal 
_pdbx_audit_revision_item.revision_ordinal 
_pdbx_audit_revision_item.data_content_type 
_pdbx_audit_revision_item.item 
1 2 'Structure model' '_citation.journal_volume'          
2 2 'Structure model' '_citation.page_first'              
3 2 'Structure model' '_citation.page_last'               
4 2 'Structure model' '_citation_author.identifier_ORCID' 
# 
_pdbx_database_status.status_code                     REL 
_pdbx_database_status.status_code_sf                  REL 
_pdbx_database_status.status_code_mr                  ? 
_pdbx_database_status.entry_id                        9EFY 
_pdbx_database_status.recvd_initial_deposition_date   2024-11-20 
_pdbx_database_status.SG_entry                        N 
_pdbx_database_status.deposit_site                    RCSB 
_pdbx_database_status.process_site                    RCSB 
_pdbx_database_status.status_code_cs                  ? 
_pdbx_database_status.status_code_nmr_data            ? 
_pdbx_database_status.methods_development_category    ? 
_pdbx_database_status.pdb_format_compatible           Y 
# 
_pdbx_contact_author.id                 2 
_pdbx_contact_author.email              andyn@uic.edu 
_pdbx_contact_author.name_first         Andy 
_pdbx_contact_author.name_last          Nguyen 
_pdbx_contact_author.name_mi            I 
_pdbx_contact_author.role               'principal investigator/group leader' 
_pdbx_contact_author.identifier_ORCID   0000-0003-4137-6453 
# 
_audit_author.name               'Richardson-Matthews, R.M.' 
_audit_author.pdbx_ordinal       1 
_audit_author.identifier_ORCID   0000-0002-5871-0908 
# 
_citation.abstract                  ? 
_citation.abstract_id_CAS           ? 
_citation.book_id_ISBN              ? 
_citation.book_publisher            ? 
_citation.book_publisher_city       ? 
_citation.book_title                ? 
_citation.coordinate_linkage        ? 
_citation.country                   US 
_citation.database_id_Medline       ? 
_citation.details                   ? 
_citation.id                        primary 
_citation.journal_abbrev            J.Am.Chem.Soc. 
_citation.journal_id_ASTM           JACSAT 
_citation.journal_id_CSD            ? 
_citation.journal_id_ISSN           1520-5126 
_citation.journal_full              ? 
_citation.journal_issue             ? 
_citation.journal_volume            147 
_citation.language                  ? 
_citation.page_first                17433 
_citation.page_last                 17447 
_citation.title                     'Metal-alpha-Helix Peptide Frameworks.' 
_citation.year                      2025 
_citation.database_id_CSD           ? 
_citation.pdbx_database_id_DOI      10.1021/jacs.5c04078 
_citation.pdbx_database_id_PubMed   40328673 
_citation.pdbx_database_id_patent   ? 
_citation.unpublished_flag          ? 
# 
loop_
_citation_author.citation_id 
_citation_author.name 
_citation_author.ordinal 
_citation_author.identifier_ORCID 
primary 'Richardson-Matthews, R.' 1 ? 
primary 'Velko, K.'               2 ? 
primary 'Bhunia, B.'              3 ? 
primary 'Ghosh, S.'               4 ? 
primary 'Oktawiec, J.'            5 ? 
primary 'Brunzelle, J.S.'         6 ? 
primary 'Dang, V.T.'              7 ? 
primary 'Nguyen, A.I.'            8 ? 
# 
loop_
_entity.id 
_entity.type 
_entity.src_method 
_entity.pdbx_description 
_entity.formula_weight 
_entity.pdbx_number_of_molecules 
_entity.pdbx_ec 
_entity.pdbx_mutation 
_entity.pdbx_fragment 
_entity.details 
1 polymer     syn 'Co-MAHF-9 A8G'   961.161 2 ? ? ? ? 
2 non-polymer syn 'COBALT (II) ION' 58.933  1 ? ? ? ? 
3 water       nat water             18.015  5 ? ? ? ? 
# 
_entity_poly.entity_id                      1 
_entity_poly.type                           'polypeptide(L)' 
_entity_poly.nstd_linkage                   no 
_entity_poly.nstd_monomer                   yes 
_entity_poly.pdbx_seq_one_letter_code       '(ACE)L(AIB)E(AIB)LHG(AIB)L(NH2)' 
_entity_poly.pdbx_seq_one_letter_code_can   XLAEALHGALX 
_entity_poly.pdbx_strand_id                 A,B 
_entity_poly.pdbx_target_identifier         ? 
# 
loop_
_pdbx_entity_nonpoly.entity_id 
_pdbx_entity_nonpoly.name 
_pdbx_entity_nonpoly.comp_id 
2 'COBALT (II) ION' CO  
3 water             HOH 
# 
loop_
_entity_poly_seq.entity_id 
_entity_poly_seq.num 
_entity_poly_seq.mon_id 
_entity_poly_seq.hetero 
1 1  ACE n 
1 2  LEU n 
1 3  AIB n 
1 4  GLU n 
1 5  AIB n 
1 6  LEU n 
1 7  HIS n 
1 8  GLY n 
1 9  AIB n 
1 10 LEU n 
1 11 NH2 n 
# 
_pdbx_entity_src_syn.entity_id              1 
_pdbx_entity_src_syn.pdbx_src_id            1 
_pdbx_entity_src_syn.pdbx_alt_source_flag   sample 
_pdbx_entity_src_syn.pdbx_beg_seq_num       1 
_pdbx_entity_src_syn.pdbx_end_seq_num       11 
_pdbx_entity_src_syn.organism_scientific    'synthetic construct' 
_pdbx_entity_src_syn.organism_common_name   ? 
_pdbx_entity_src_syn.ncbi_taxonomy_id       32630 
_pdbx_entity_src_syn.details                ? 
# 
loop_
_chem_comp.id 
_chem_comp.type 
_chem_comp.mon_nstd_flag 
_chem_comp.name 
_chem_comp.pdbx_synonyms 
_chem_comp.formula 
_chem_comp.formula_weight 
ACE non-polymer         . 'ACETYL GROUP'               ? 'C2 H4 O'        44.053  
AIB 'L-peptide linking' n 'ALPHA-AMINOISOBUTYRIC ACID' ? 'C4 H9 N O2'     103.120 
CO  non-polymer         . 'COBALT (II) ION'            ? 'Co 2'           58.933  
GLU 'L-peptide linking' y 'GLUTAMIC ACID'              ? 'C5 H9 N O4'     147.129 
GLY 'peptide linking'   y GLYCINE                      ? 'C2 H5 N O2'     75.067  
HIS 'L-peptide linking' y HISTIDINE                    ? 'C6 H10 N3 O2 1' 156.162 
HOH non-polymer         . WATER                        ? 'H2 O'           18.015  
LEU 'L-peptide linking' y LEUCINE                      ? 'C6 H13 N O2'    131.173 
NH2 non-polymer         . 'AMINO GROUP'                ? 'H2 N'           16.023  
# 
loop_
_pdbx_poly_seq_scheme.asym_id 
_pdbx_poly_seq_scheme.entity_id 
_pdbx_poly_seq_scheme.seq_id 
_pdbx_poly_seq_scheme.mon_id 
_pdbx_poly_seq_scheme.ndb_seq_num 
_pdbx_poly_seq_scheme.pdb_seq_num 
_pdbx_poly_seq_scheme.auth_seq_num 
_pdbx_poly_seq_scheme.pdb_mon_id 
_pdbx_poly_seq_scheme.auth_mon_id 
_pdbx_poly_seq_scheme.pdb_strand_id 
_pdbx_poly_seq_scheme.pdb_ins_code 
_pdbx_poly_seq_scheme.hetero 
A 1 1  ACE 1  1  1  ACE ACY A . n 
A 1 2  LEU 2  2  2  LEU LEU A . n 
A 1 3  AIB 3  3  3  AIB AIB A . n 
A 1 4  GLU 4  4  4  GLU GLU A . n 
A 1 5  AIB 5  5  5  AIB AIB A . n 
A 1 6  LEU 6  6  6  LEU LEU A . n 
A 1 7  HIS 7  7  7  HIS HIS A . n 
A 1 8  GLY 8  8  8  GLY GLY A . n 
A 1 9  AIB 9  9  9  AIB AIB A . n 
A 1 10 LEU 10 10 10 LEU LEU A . n 
A 1 11 NH2 11 11 11 NH2 NH3 A . n 
B 1 1  ACE 1  1  1  ACE ACY B . n 
B 1 2  LEU 2  2  2  LEU LEU B . n 
B 1 3  AIB 3  3  3  AIB AIB B . n 
B 1 4  GLU 4  4  4  GLU GLU B . n 
B 1 5  AIB 5  5  5  AIB AIB B . n 
B 1 6  LEU 6  6  6  LEU LEU B . n 
B 1 7  HIS 7  7  7  HIS HIS B . n 
B 1 8  GLY 8  8  8  GLY GLY B . n 
B 1 9  AIB 9  9  9  AIB AIB B . n 
B 1 10 LEU 10 10 10 LEU LEU B . n 
B 1 11 NH2 11 11 11 NH2 NH3 B . n 
# 
loop_
_pdbx_nonpoly_scheme.asym_id 
_pdbx_nonpoly_scheme.entity_id 
_pdbx_nonpoly_scheme.mon_id 
_pdbx_nonpoly_scheme.ndb_seq_num 
_pdbx_nonpoly_scheme.pdb_seq_num 
_pdbx_nonpoly_scheme.auth_seq_num 
_pdbx_nonpoly_scheme.pdb_mon_id 
_pdbx_nonpoly_scheme.auth_mon_id 
_pdbx_nonpoly_scheme.pdb_strand_id 
_pdbx_nonpoly_scheme.pdb_ins_code 
C 2 CO  1 101 104 CO  CO  B . 
D 3 HOH 1 101 5   HOH HOH A . 
D 3 HOH 2 102 3   HOH HOH A . 
E 3 HOH 1 201 1   HOH HOH B . 
E 3 HOH 2 202 4   HOH HOH B . 
E 3 HOH 3 203 2   HOH HOH B . 
# 
loop_
_software.citation_id 
_software.classification 
_software.compiler_name 
_software.compiler_version 
_software.contact_author 
_software.contact_author_email 
_software.date 
_software.description 
_software.dependencies 
_software.hardware 
_software.language 
_software.location 
_software.mods 
_software.name 
_software.os 
_software.os_version 
_software.type 
_software.version 
_software.pdbx_ordinal 
? refinement       ? ? ? ? ? ? ? ? ? ? ? PHENIX ? ? ? 1.20.1_4487 1 
? 'data reduction' ? ? ? ? ? ? ? ? ? ? ? XDS    ? ? ? .           2 
? 'data scaling'   ? ? ? ? ? ? ? ? ? ? ? XDS    ? ? ? .           3 
? phasing          ? ? ? ? ? ? ? ? ? ? ? PHASER ? ? ? .           4 
# 
_cell.angle_alpha                  67.920 
_cell.angle_alpha_esd              ? 
_cell.angle_beta                   89.370 
_cell.angle_beta_esd               ? 
_cell.angle_gamma                  71.850 
_cell.angle_gamma_esd              ? 
_cell.entry_id                     9EFY 
_cell.details                      ? 
_cell.formula_units_Z              ? 
_cell.length_a                     10.320 
_cell.length_a_esd                 ? 
_cell.length_b                     16.240 
_cell.length_b_esd                 ? 
_cell.length_c                     21.570 
_cell.length_c_esd                 ? 
_cell.volume                       3160.063 
_cell.volume_esd                   ? 
_cell.Z_PDB                        2 
_cell.reciprocal_angle_alpha       ? 
_cell.reciprocal_angle_beta        ? 
_cell.reciprocal_angle_gamma       ? 
_cell.reciprocal_angle_alpha_esd   ? 
_cell.reciprocal_angle_beta_esd    ? 
_cell.reciprocal_angle_gamma_esd   ? 
_cell.reciprocal_length_a          ? 
_cell.reciprocal_length_b          ? 
_cell.reciprocal_length_c          ? 
_cell.reciprocal_length_a_esd      ? 
_cell.reciprocal_length_b_esd      ? 
_cell.reciprocal_length_c_esd      ? 
_cell.pdbx_unique_axis             ? 
_cell.pdbx_esd_method              ? 
# 
_symmetry.entry_id                         9EFY 
_symmetry.cell_setting                     ? 
_symmetry.Int_Tables_number                1 
_symmetry.space_group_name_Hall            'P 1' 
_symmetry.space_group_name_H-M             'P 1' 
_symmetry.pdbx_full_space_group_name_H-M   ? 
# 
_exptl.absorpt_coefficient_mu     ? 
_exptl.absorpt_correction_T_max   ? 
_exptl.absorpt_correction_T_min   ? 
_exptl.absorpt_correction_type    ? 
_exptl.absorpt_process_details    ? 
_exptl.entry_id                   9EFY 
_exptl.crystals_number            1 
_exptl.details                    ? 
_exptl.method                     'X-RAY DIFFRACTION' 
_exptl.method_details             ? 
# 
_exptl_crystal.colour                       ? 
_exptl_crystal.density_diffrn               ? 
_exptl_crystal.density_Matthews             1.62 
_exptl_crystal.density_method               ? 
_exptl_crystal.density_percent_sol          23.85 
_exptl_crystal.description                  ? 
_exptl_crystal.F_000                        ? 
_exptl_crystal.id                           1 
_exptl_crystal.preparation                  ? 
_exptl_crystal.size_max                     ? 
_exptl_crystal.size_mid                     ? 
_exptl_crystal.size_min                     ? 
_exptl_crystal.size_rad                     ? 
_exptl_crystal.colour_lustre                ? 
_exptl_crystal.colour_modifier              ? 
_exptl_crystal.colour_primary               ? 
_exptl_crystal.density_meas                 ? 
_exptl_crystal.density_meas_esd             ? 
_exptl_crystal.density_meas_gt              ? 
_exptl_crystal.density_meas_lt              ? 
_exptl_crystal.density_meas_temp            ? 
_exptl_crystal.density_meas_temp_esd        ? 
_exptl_crystal.density_meas_temp_gt         ? 
_exptl_crystal.density_meas_temp_lt         ? 
_exptl_crystal.pdbx_crystal_image_url       ? 
_exptl_crystal.pdbx_crystal_image_format    ? 
_exptl_crystal.pdbx_mosaicity               ? 
_exptl_crystal.pdbx_mosaicity_esd           ? 
_exptl_crystal.pdbx_mosaic_method           ? 
_exptl_crystal.pdbx_mosaic_block_size       ? 
_exptl_crystal.pdbx_mosaic_block_size_esd   ? 
# 
_exptl_crystal_grow.apparatus       ? 
_exptl_crystal_grow.atmosphere      ? 
_exptl_crystal_grow.crystal_id      1 
_exptl_crystal_grow.details         ? 
_exptl_crystal_grow.method          'SLOW COOLING' 
_exptl_crystal_grow.method_ref      ? 
_exptl_crystal_grow.pH              ? 
_exptl_crystal_grow.pressure        ? 
_exptl_crystal_grow.pressure_esd    ? 
_exptl_crystal_grow.seeding         ? 
_exptl_crystal_grow.seeding_ref     ? 
_exptl_crystal_grow.temp_details    ? 
_exptl_crystal_grow.temp_esd        ? 
_exptl_crystal_grow.time            ? 
_exptl_crystal_grow.pdbx_details    'water, acetonitrile, cobalt acetate' 
_exptl_crystal_grow.pdbx_pH_range   ? 
_exptl_crystal_grow.temp            298 
# 
loop_
_diffrn.ambient_environment 
_diffrn.ambient_temp 
_diffrn.ambient_temp_details 
_diffrn.ambient_temp_esd 
_diffrn.crystal_id 
_diffrn.crystal_support 
_diffrn.crystal_treatment 
_diffrn.details 
_diffrn.id 
_diffrn.ambient_pressure 
_diffrn.ambient_pressure_esd 
_diffrn.ambient_pressure_gt 
_diffrn.ambient_pressure_lt 
_diffrn.ambient_temp_gt 
_diffrn.ambient_temp_lt 
_diffrn.pdbx_serial_crystal_experiment 
? 100 ? ? 1 ? ? ? 1 ? ? ? ? ? ? N 
? 100 ? ? 1 ? ? ? 2 ? ? ? ? ? ? N 
# 
loop_
_diffrn_detector.details 
_diffrn_detector.detector 
_diffrn_detector.diffrn_id 
_diffrn_detector.type 
_diffrn_detector.area_resol_mean 
_diffrn_detector.dtime 
_diffrn_detector.pdbx_frames_total 
_diffrn_detector.pdbx_collection_time_total 
_diffrn_detector.pdbx_collection_date 
_diffrn_detector.pdbx_frequency 
_diffrn_detector.id 
_diffrn_detector.number_of_axes 
? PIXEL 1 'DECTRIS EIGER X 16M' ? ? ? ? 2024-05-08 ? ? ? 
? PIXEL 2 'DECTRIS EIGER X 16M' ? ? ? ? 2023-02-15 ? ? ? 
# 
loop_
_diffrn_radiation.collimation 
_diffrn_radiation.diffrn_id 
_diffrn_radiation.filter_edge 
_diffrn_radiation.inhomogeneity 
_diffrn_radiation.monochromator 
_diffrn_radiation.polarisn_norm 
_diffrn_radiation.polarisn_ratio 
_diffrn_radiation.probe 
_diffrn_radiation.type 
_diffrn_radiation.xray_symbol 
_diffrn_radiation.wavelength_id 
_diffrn_radiation.pdbx_monochromatic_or_laue_m_l 
_diffrn_radiation.pdbx_wavelength_list 
_diffrn_radiation.pdbx_wavelength 
_diffrn_radiation.pdbx_diffrn_protocol 
_diffrn_radiation.pdbx_analyzer 
_diffrn_radiation.pdbx_scattering_type 
? 1 ? ? ? ? ? ? ? ? 1 M ? ? 'SINGLE WAVELENGTH' ? x-ray 
? 2 ? ? ? ? ? ? ? ? 2 M ? ? 'SINGLE WAVELENGTH' ? x-ray 
# 
loop_
_diffrn_radiation_wavelength.id 
_diffrn_radiation_wavelength.wavelength 
_diffrn_radiation_wavelength.wt 
1 0.68880  1.0 
2 0.729250 1.0 
# 
loop_
_diffrn_source.current 
_diffrn_source.details 
_diffrn_source.diffrn_id 
_diffrn_source.power 
_diffrn_source.size 
_diffrn_source.source 
_diffrn_source.target 
_diffrn_source.type 
_diffrn_source.voltage 
_diffrn_source.take-off_angle 
_diffrn_source.pdbx_wavelength_list 
_diffrn_source.pdbx_wavelength 
_diffrn_source.pdbx_synchrotron_beamline 
_diffrn_source.pdbx_synchrotron_site 
? ? 1 ? ? SYNCHROTRON ? 'MAX IV BEAMLINE BioMAX' ? ? 0.68880  ? BioMAX  'MAX IV' 
? ? 2 ? ? SYNCHROTRON ? 'APS BEAMLINE 21-ID-D'   ? ? 0.729250 ? 21-ID-D APS      
# 
_reflns.B_iso_Wilson_estimate                          8.73 
_reflns.entry_id                                       9EFY 
_reflns.data_reduction_details                         ? 
_reflns.data_reduction_method                          ? 
_reflns.d_resolution_high                              0.91 
_reflns.d_resolution_low                               14.56 
_reflns.details                                        ? 
_reflns.limit_h_max                                    ? 
_reflns.limit_h_min                                    ? 
_reflns.limit_k_max                                    ? 
_reflns.limit_k_min                                    ? 
_reflns.limit_l_max                                    ? 
_reflns.limit_l_min                                    ? 
_reflns.number_all                                     ? 
_reflns.number_obs                                     24651 
_reflns.observed_criterion                             ? 
_reflns.observed_criterion_F_max                       ? 
_reflns.observed_criterion_F_min                       ? 
_reflns.observed_criterion_I_max                       ? 
_reflns.observed_criterion_I_min                       ? 
_reflns.observed_criterion_sigma_F                     ? 
_reflns.observed_criterion_sigma_I                     ? 
_reflns.percent_possible_obs                           92.63 
_reflns.R_free_details                                 ? 
_reflns.Rmerge_F_all                                   ? 
_reflns.Rmerge_F_obs                                   ? 
_reflns.Friedel_coverage                               ? 
_reflns.number_gt                                      ? 
_reflns.threshold_expression                           ? 
_reflns.pdbx_redundancy                                2.6 
_reflns.pdbx_netI_over_av_sigmaI                       ? 
_reflns.pdbx_netI_over_sigmaI                          3.95 
_reflns.pdbx_res_netI_over_av_sigmaI_2                 ? 
_reflns.pdbx_res_netI_over_sigmaI_2                    ? 
_reflns.pdbx_chi_squared                               ? 
_reflns.pdbx_scaling_rejects                           ? 
_reflns.pdbx_d_res_high_opt                            ? 
_reflns.pdbx_d_res_low_opt                             ? 
_reflns.pdbx_d_res_opt_method                          ? 
_reflns.phase_calculation_details                      ? 
_reflns.pdbx_Rrim_I_all                                ? 
_reflns.pdbx_Rpim_I_all                                ? 
_reflns.pdbx_d_opt                                     ? 
_reflns.pdbx_number_measured_all                       ? 
_reflns.pdbx_diffrn_id                                 1 
_reflns.pdbx_ordinal                                   1 
_reflns.pdbx_CC_half                                   0.993 
_reflns.pdbx_CC_star                                   ? 
_reflns.pdbx_R_split                                   ? 
_reflns.pdbx_Rmerge_I_obs                              ? 
_reflns.pdbx_Rmerge_I_all                              ? 
_reflns.pdbx_Rsym_value                                ? 
_reflns.pdbx_CC_split_method                           ? 
_reflns.pdbx_aniso_diffraction_limit_axis_1_ortho[1]   ? 
_reflns.pdbx_aniso_diffraction_limit_axis_1_ortho[2]   ? 
_reflns.pdbx_aniso_diffraction_limit_axis_1_ortho[3]   ? 
_reflns.pdbx_aniso_diffraction_limit_axis_2_ortho[1]   ? 
_reflns.pdbx_aniso_diffraction_limit_axis_2_ortho[2]   ? 
_reflns.pdbx_aniso_diffraction_limit_axis_2_ortho[3]   ? 
_reflns.pdbx_aniso_diffraction_limit_axis_3_ortho[1]   ? 
_reflns.pdbx_aniso_diffraction_limit_axis_3_ortho[2]   ? 
_reflns.pdbx_aniso_diffraction_limit_axis_3_ortho[3]   ? 
_reflns.pdbx_aniso_diffraction_limit_1                 ? 
_reflns.pdbx_aniso_diffraction_limit_2                 ? 
_reflns.pdbx_aniso_diffraction_limit_3                 ? 
_reflns.pdbx_aniso_B_tensor_eigenvector_1_ortho[1]     ? 
_reflns.pdbx_aniso_B_tensor_eigenvector_1_ortho[2]     ? 
_reflns.pdbx_aniso_B_tensor_eigenvector_1_ortho[3]     ? 
_reflns.pdbx_aniso_B_tensor_eigenvector_2_ortho[1]     ? 
_reflns.pdbx_aniso_B_tensor_eigenvector_2_ortho[2]     ? 
_reflns.pdbx_aniso_B_tensor_eigenvector_2_ortho[3]     ? 
_reflns.pdbx_aniso_B_tensor_eigenvector_3_ortho[1]     ? 
_reflns.pdbx_aniso_B_tensor_eigenvector_3_ortho[2]     ? 
_reflns.pdbx_aniso_B_tensor_eigenvector_3_ortho[3]     ? 
_reflns.pdbx_aniso_B_tensor_eigenvalue_1               ? 
_reflns.pdbx_aniso_B_tensor_eigenvalue_2               ? 
_reflns.pdbx_aniso_B_tensor_eigenvalue_3               ? 
_reflns.pdbx_orthogonalization_convention              ? 
_reflns.pdbx_percent_possible_ellipsoidal              ? 
_reflns.pdbx_percent_possible_spherical                ? 
_reflns.pdbx_percent_possible_ellipsoidal_anomalous    ? 
_reflns.pdbx_percent_possible_spherical_anomalous      ? 
_reflns.pdbx_redundancy_anomalous                      ? 
_reflns.pdbx_CC_half_anomalous                         ? 
_reflns.pdbx_absDiff_over_sigma_anomalous              ? 
_reflns.pdbx_percent_possible_anomalous                ? 
_reflns.pdbx_observed_signal_threshold                 ? 
_reflns.pdbx_signal_type                               ? 
_reflns.pdbx_signal_details                            ? 
_reflns.pdbx_signal_software_id                        ? 
# 
_reflns_shell.d_res_high                                    0.91 
_reflns_shell.d_res_low                                     0.94 
_reflns_shell.meanI_over_sigI_all                           ? 
_reflns_shell.meanI_over_sigI_obs                           ? 
_reflns_shell.number_measured_all                           ? 
_reflns_shell.number_measured_obs                           ? 
_reflns_shell.number_possible                               ? 
_reflns_shell.number_unique_all                             ? 
_reflns_shell.number_unique_obs                             172 
_reflns_shell.percent_possible_obs                          ? 
_reflns_shell.Rmerge_F_all                                  ? 
_reflns_shell.Rmerge_F_obs                                  ? 
_reflns_shell.meanI_over_sigI_gt                            ? 
_reflns_shell.meanI_over_uI_all                             ? 
_reflns_shell.meanI_over_uI_gt                              ? 
_reflns_shell.number_measured_gt                            ? 
_reflns_shell.number_unique_gt                              ? 
_reflns_shell.percent_possible_gt                           ? 
_reflns_shell.Rmerge_F_gt                                   ? 
_reflns_shell.Rmerge_I_gt                                   ? 
_reflns_shell.pdbx_redundancy                               ? 
_reflns_shell.pdbx_chi_squared                              ? 
_reflns_shell.pdbx_netI_over_sigmaI_all                     ? 
_reflns_shell.pdbx_netI_over_sigmaI_obs                     ? 
_reflns_shell.pdbx_Rrim_I_all                               ? 
_reflns_shell.pdbx_Rpim_I_all                               ? 
_reflns_shell.pdbx_rejects                                  ? 
_reflns_shell.pdbx_ordinal                                  1 
_reflns_shell.pdbx_diffrn_id                                1 
_reflns_shell.pdbx_CC_half                                  0.0247 
_reflns_shell.pdbx_CC_star                                  ? 
_reflns_shell.pdbx_R_split                                  ? 
_reflns_shell.percent_possible_all                          ? 
_reflns_shell.Rmerge_I_all                                  ? 
_reflns_shell.Rmerge_I_obs                                  ? 
_reflns_shell.pdbx_Rsym_value                               ? 
_reflns_shell.pdbx_percent_possible_ellipsoidal             ? 
_reflns_shell.pdbx_percent_possible_spherical               ? 
_reflns_shell.pdbx_percent_possible_ellipsoidal_anomalous   ? 
_reflns_shell.pdbx_percent_possible_spherical_anomalous     ? 
_reflns_shell.pdbx_redundancy_anomalous                     ? 
_reflns_shell.pdbx_CC_half_anomalous                        ? 
_reflns_shell.pdbx_absDiff_over_sigma_anomalous             ? 
_reflns_shell.pdbx_percent_possible_anomalous               ? 
# 
_refine.aniso_B[1][1]                            ? 
_refine.aniso_B[1][2]                            ? 
_refine.aniso_B[1][3]                            ? 
_refine.aniso_B[2][2]                            ? 
_refine.aniso_B[2][3]                            ? 
_refine.aniso_B[3][3]                            ? 
_refine.B_iso_max                                ? 
_refine.B_iso_mean                               9.43 
_refine.B_iso_min                                ? 
_refine.correlation_coeff_Fo_to_Fc               ? 
_refine.correlation_coeff_Fo_to_Fc_free          ? 
_refine.details                                  ? 
_refine.diff_density_max                         ? 
_refine.diff_density_max_esd                     ? 
_refine.diff_density_min                         ? 
_refine.diff_density_min_esd                     ? 
_refine.diff_density_rms                         ? 
_refine.diff_density_rms_esd                     ? 
_refine.entry_id                                 9EFY 
_refine.pdbx_refine_id                           'X-RAY DIFFRACTION' 
_refine.ls_abs_structure_details                 ? 
_refine.ls_abs_structure_Flack                   ? 
_refine.ls_abs_structure_Flack_esd               ? 
_refine.ls_abs_structure_Rogers                  ? 
_refine.ls_abs_structure_Rogers_esd              ? 
_refine.ls_d_res_high                            0.91 
_refine.ls_d_res_low                             14.56 
_refine.ls_extinction_coef                       ? 
_refine.ls_extinction_coef_esd                   ? 
_refine.ls_extinction_expression                 ? 
_refine.ls_extinction_method                     ? 
_refine.ls_goodness_of_fit_all                   ? 
_refine.ls_goodness_of_fit_all_esd               ? 
_refine.ls_goodness_of_fit_obs                   ? 
_refine.ls_goodness_of_fit_obs_esd               ? 
_refine.ls_hydrogen_treatment                    ? 
_refine.ls_matrix_type                           ? 
_refine.ls_number_constraints                    ? 
_refine.ls_number_parameters                     ? 
_refine.ls_number_reflns_all                     ? 
_refine.ls_number_reflns_obs                     24651 
_refine.ls_number_reflns_R_free                  1632 
_refine.ls_number_reflns_R_work                  14640 
_refine.ls_number_restraints                     ? 
_refine.ls_percent_reflns_obs                    92.63 
_refine.ls_percent_reflns_R_free                 10.03 
_refine.ls_R_factor_all                          ? 
_refine.ls_R_factor_obs                          0.1824 
_refine.ls_R_factor_R_free                       0.2069 
_refine.ls_R_factor_R_free_error                 ? 
_refine.ls_R_factor_R_free_error_details         ? 
_refine.ls_R_factor_R_work                       0.1798 
_refine.ls_R_Fsqd_factor_obs                     ? 
_refine.ls_R_I_factor_obs                        ? 
_refine.ls_redundancy_reflns_all                 ? 
_refine.ls_redundancy_reflns_obs                 ? 
_refine.ls_restrained_S_all                      ? 
_refine.ls_restrained_S_obs                      ? 
_refine.ls_shift_over_esd_max                    ? 
_refine.ls_shift_over_esd_mean                   ? 
_refine.ls_structure_factor_coef                 ? 
_refine.ls_weighting_details                     ? 
_refine.ls_weighting_scheme                      ? 
_refine.ls_wR_factor_all                         ? 
_refine.ls_wR_factor_obs                         ? 
_refine.ls_wR_factor_R_free                      ? 
_refine.ls_wR_factor_R_work                      ? 
_refine.occupancy_max                            ? 
_refine.occupancy_min                            ? 
_refine.solvent_model_details                    'FLAT BULK SOLVENT MODEL' 
_refine.solvent_model_param_bsol                 ? 
_refine.solvent_model_param_ksol                 ? 
_refine.pdbx_R_complete                          ? 
_refine.ls_R_factor_gt                           ? 
_refine.ls_goodness_of_fit_gt                    ? 
_refine.ls_goodness_of_fit_ref                   ? 
_refine.ls_shift_over_su_max                     ? 
_refine.ls_shift_over_su_max_lt                  ? 
_refine.ls_shift_over_su_mean                    ? 
_refine.ls_shift_over_su_mean_lt                 ? 
_refine.pdbx_ls_sigma_I                          ? 
_refine.pdbx_ls_sigma_F                          1.99 
_refine.pdbx_ls_sigma_Fsqd                       ? 
_refine.pdbx_data_cutoff_high_absF               ? 
_refine.pdbx_data_cutoff_high_rms_absF           ? 
_refine.pdbx_data_cutoff_low_absF                ? 
_refine.pdbx_isotropic_thermal_model             ? 
_refine.pdbx_ls_cross_valid_method               'FREE R-VALUE' 
_refine.pdbx_method_to_determine_struct          'MOLECULAR REPLACEMENT' 
_refine.pdbx_starting_model                      ? 
_refine.pdbx_stereochemistry_target_values       'GeoStd + Monomer Library + CDL v1.2' 
_refine.pdbx_R_Free_selection_details            ? 
_refine.pdbx_stereochem_target_val_spec_case     ? 
_refine.pdbx_overall_ESU_R                       ? 
_refine.pdbx_overall_ESU_R_Free                  ? 
_refine.pdbx_solvent_vdw_probe_radii             1.1000 
_refine.pdbx_solvent_ion_probe_radii             ? 
_refine.pdbx_solvent_shrinkage_radii             0.9000 
_refine.pdbx_real_space_R                        ? 
_refine.pdbx_density_correlation                 ? 
_refine.pdbx_pd_number_of_powder_patterns        ? 
_refine.pdbx_pd_number_of_points                 ? 
_refine.pdbx_pd_meas_number_of_points            ? 
_refine.pdbx_pd_proc_ls_prof_R_factor            ? 
_refine.pdbx_pd_proc_ls_prof_wR_factor           ? 
_refine.pdbx_pd_Marquardt_correlation_coeff      ? 
_refine.pdbx_pd_Fsqrd_R_factor                   ? 
_refine.pdbx_pd_ls_matrix_band_width             ? 
_refine.pdbx_overall_phase_error                 27.7689 
_refine.pdbx_overall_SU_R_free_Cruickshank_DPI   ? 
_refine.pdbx_overall_SU_R_free_Blow_DPI          ? 
_refine.pdbx_overall_SU_R_Blow_DPI               ? 
_refine.pdbx_TLS_residual_ADP_flag               ? 
_refine.pdbx_diffrn_id                           1 
_refine.overall_SU_B                             ? 
_refine.overall_SU_ML                            0.0852 
_refine.overall_SU_R_Cruickshank_DPI             ? 
_refine.overall_SU_R_free                        ? 
_refine.overall_FOM_free_R_set                   ? 
_refine.overall_FOM_work_R_set                   ? 
_refine.pdbx_average_fsc_overall                 ? 
_refine.pdbx_average_fsc_work                    ? 
_refine.pdbx_average_fsc_free                    ? 
# 
_refine_hist.pdbx_refine_id                   'X-RAY DIFFRACTION' 
_refine_hist.cycle_id                         LAST 
_refine_hist.details                          ? 
_refine_hist.d_res_high                       0.91 
_refine_hist.d_res_low                        14.56 
_refine_hist.number_atoms_solvent             5 
_refine_hist.number_atoms_total               144 
_refine_hist.number_reflns_all                ? 
_refine_hist.number_reflns_obs                ? 
_refine_hist.number_reflns_R_free             ? 
_refine_hist.number_reflns_R_work             ? 
_refine_hist.R_factor_all                     ? 
_refine_hist.R_factor_obs                     ? 
_refine_hist.R_factor_R_free                  ? 
_refine_hist.R_factor_R_work                  ? 
_refine_hist.pdbx_number_residues_total       ? 
_refine_hist.pdbx_B_iso_mean_ligand           ? 
_refine_hist.pdbx_B_iso_mean_solvent          ? 
_refine_hist.pdbx_number_atoms_protein        130 
_refine_hist.pdbx_number_atoms_nucleic_acid   0 
_refine_hist.pdbx_number_atoms_ligand         9 
_refine_hist.pdbx_number_atoms_lipid          ? 
_refine_hist.pdbx_number_atoms_carb           ? 
_refine_hist.pdbx_pseudo_atom_details         ? 
# 
loop_
_refine_ls_restr.pdbx_refine_id 
_refine_ls_restr.criterion 
_refine_ls_restr.dev_ideal 
_refine_ls_restr.dev_ideal_target 
_refine_ls_restr.number 
_refine_ls_restr.rejects 
_refine_ls_restr.type 
_refine_ls_restr.weight 
_refine_ls_restr.pdbx_restraint_function 
'X-RAY DIFFRACTION' ? 0.0081  ? 134 ? f_bond_d           ? ? 
'X-RAY DIFFRACTION' ? 1.5425  ? 186 ? f_angle_d          ? ? 
'X-RAY DIFFRACTION' ? 0.0437  ? 16  ? f_chiral_restr     ? ? 
'X-RAY DIFFRACTION' ? 0.0059  ? 20  ? f_plane_restr      ? ? 
'X-RAY DIFFRACTION' ? 25.0227 ? 22  ? f_dihedral_angle_d ? ? 
# 
loop_
_refine_ls_shell.pdbx_refine_id 
_refine_ls_shell.d_res_high 
_refine_ls_shell.d_res_low 
_refine_ls_shell.number_reflns_all 
_refine_ls_shell.number_reflns_obs 
_refine_ls_shell.number_reflns_R_free 
_refine_ls_shell.number_reflns_R_work 
_refine_ls_shell.percent_reflns_obs 
_refine_ls_shell.percent_reflns_R_free 
_refine_ls_shell.R_factor_all 
_refine_ls_shell.R_factor_obs 
_refine_ls_shell.R_factor_R_free_error 
_refine_ls_shell.R_factor_R_work 
_refine_ls_shell.redundancy_reflns_all 
_refine_ls_shell.redundancy_reflns_obs 
_refine_ls_shell.wR_factor_all 
_refine_ls_shell.wR_factor_obs 
_refine_ls_shell.wR_factor_R_free 
_refine_ls_shell.wR_factor_R_work 
_refine_ls_shell.pdbx_R_complete 
_refine_ls_shell.pdbx_total_number_of_bins_used 
_refine_ls_shell.pdbx_phase_error 
_refine_ls_shell.pdbx_fsc_work 
_refine_ls_shell.pdbx_fsc_free 
_refine_ls_shell.R_factor_R_free 
'X-RAY DIFFRACTION' 0.91 0.94  . . 136 1237 90.81 . . . . 0.2713 . . . . . . . . . . . 0.3229 
'X-RAY DIFFRACTION' 0.94 0.97  . . 128 1184 93.45 . . . . 0.2349 . . . . . . . . . . . 0.2592 
'X-RAY DIFFRACTION' 0.97 1.00  . . 138 1215 92.93 . . . . 0.2140 . . . . . . . . . . . 0.2960 
'X-RAY DIFFRACTION' 1.00 1.04  . . 132 1253 93.33 . . . . 0.2347 . . . . . . . . . . . 0.2544 
'X-RAY DIFFRACTION' 1.04 1.09  . . 116 1002 75.64 . . . . 0.1951 . . . . . . . . . . . 0.2389 
'X-RAY DIFFRACTION' 1.09 1.15  . . 145 1281 95.70 . . . . 0.1721 . . . . . . . . . . . 0.1928 
'X-RAY DIFFRACTION' 1.15 1.22  . . 136 1208 96.00 . . . . 0.1878 . . . . . . . . . . . 0.2327 
'X-RAY DIFFRACTION' 1.22 1.31  . . 146 1252 94.20 . . . . 0.2029 . . . . . . . . . . . 0.1926 
'X-RAY DIFFRACTION' 1.31 1.44  . . 132 1264 94.07 . . . . 0.2020 . . . . . . . . . . . 0.2153 
'X-RAY DIFFRACTION' 1.44 1.65  . . 145 1270 97.45 . . . . 0.1705 . . . . . . . . . . . 0.2197 
'X-RAY DIFFRACTION' 1.65 2.08  . . 140 1237 94.97 . . . . 0.1800 . . . . . . . . . . . 0.1970 
'X-RAY DIFFRACTION' 2.08 14.56 . . 138 1237 93.79 . . . . 0.1560 . . . . . . . . . . . 0.1842 
# 
_struct.entry_id                     9EFY 
_struct.title                        'Co-MAHF-9 A8G Metal Alpha-Helix Framework' 
_struct.pdbx_model_details           ? 
_struct.pdbx_formula_weight          ? 
_struct.pdbx_formula_weight_method   ? 
_struct.pdbx_model_type_details      ? 
_struct.pdbx_CASP_flag               N 
# 
_struct_keywords.entry_id        9EFY 
_struct_keywords.text            'synthetic construct, DE NOVO PROTEIN' 
_struct_keywords.pdbx_keywords   'DE NOVO PROTEIN' 
# 
loop_
_struct_asym.id 
_struct_asym.pdbx_blank_PDB_chainid_flag 
_struct_asym.pdbx_modified 
_struct_asym.entity_id 
_struct_asym.details 
A N N 1 ? 
B N N 1 ? 
C N N 2 ? 
D N N 3 ? 
E N N 3 ? 
# 
_struct_ref.id                         1 
_struct_ref.db_name                    PDB 
_struct_ref.db_code                    9EFY 
_struct_ref.pdbx_db_accession          9EFY 
_struct_ref.pdbx_db_isoform            ? 
_struct_ref.entity_id                  1 
_struct_ref.pdbx_seq_one_letter_code   ? 
_struct_ref.pdbx_align_begin           1 
# 
loop_
_struct_ref_seq.align_id 
_struct_ref_seq.ref_id 
_struct_ref_seq.pdbx_PDB_id_code 
_struct_ref_seq.pdbx_strand_id 
_struct_ref_seq.seq_align_beg 
_struct_ref_seq.pdbx_seq_align_beg_ins_code 
_struct_ref_seq.seq_align_end 
_struct_ref_seq.pdbx_seq_align_end_ins_code 
_struct_ref_seq.pdbx_db_accession 
_struct_ref_seq.db_align_beg 
_struct_ref_seq.pdbx_db_align_beg_ins_code 
_struct_ref_seq.db_align_end 
_struct_ref_seq.pdbx_db_align_end_ins_code 
_struct_ref_seq.pdbx_auth_seq_align_beg 
_struct_ref_seq.pdbx_auth_seq_align_end 
1 1 9EFY A 1 ? 11 ? 9EFY 1 ? 11 ? 1 11 
2 1 9EFY B 1 ? 11 ? 9EFY 1 ? 11 ? 1 11 
# 
loop_
_pdbx_struct_assembly.id 
_pdbx_struct_assembly.details 
_pdbx_struct_assembly.method_details 
_pdbx_struct_assembly.oligomeric_details 
_pdbx_struct_assembly.oligomeric_count 
1 author_and_software_defined_assembly PISA monomeric 1 
2 author_and_software_defined_assembly PISA monomeric 1 
# 
loop_
_pdbx_struct_assembly_gen.assembly_id 
_pdbx_struct_assembly_gen.oper_expression 
_pdbx_struct_assembly_gen.asym_id_list 
1 1 A,D   
2 1 B,C,E 
# 
_pdbx_struct_assembly_auth_evidence.id                     1 
_pdbx_struct_assembly_auth_evidence.assembly_id            1 
_pdbx_struct_assembly_auth_evidence.experimental_support   none 
_pdbx_struct_assembly_auth_evidence.details                ? 
# 
_pdbx_struct_oper_list.id                   1 
_pdbx_struct_oper_list.type                 'identity operation' 
_pdbx_struct_oper_list.name                 1_555 
_pdbx_struct_oper_list.symmetry_operation   x,y,z 
_pdbx_struct_oper_list.matrix[1][1]         1.0000000000 
_pdbx_struct_oper_list.matrix[1][2]         0.0000000000 
_pdbx_struct_oper_list.matrix[1][3]         0.0000000000 
_pdbx_struct_oper_list.vector[1]            0.0000000000 
_pdbx_struct_oper_list.matrix[2][1]         0.0000000000 
_pdbx_struct_oper_list.matrix[2][2]         1.0000000000 
_pdbx_struct_oper_list.matrix[2][3]         0.0000000000 
_pdbx_struct_oper_list.vector[2]            0.0000000000 
_pdbx_struct_oper_list.matrix[3][1]         0.0000000000 
_pdbx_struct_oper_list.matrix[3][2]         0.0000000000 
_pdbx_struct_oper_list.matrix[3][3]         1.0000000000 
_pdbx_struct_oper_list.vector[3]            0.0000000000 
# 
loop_
_struct_conf.conf_type_id 
_struct_conf.id 
_struct_conf.pdbx_PDB_helix_id 
_struct_conf.beg_label_comp_id 
_struct_conf.beg_label_asym_id 
_struct_conf.beg_label_seq_id 
_struct_conf.pdbx_beg_PDB_ins_code 
_struct_conf.end_label_comp_id 
_struct_conf.end_label_asym_id 
_struct_conf.end_label_seq_id 
_struct_conf.pdbx_end_PDB_ins_code 
_struct_conf.beg_auth_comp_id 
_struct_conf.beg_auth_asym_id 
_struct_conf.beg_auth_seq_id 
_struct_conf.end_auth_comp_id 
_struct_conf.end_auth_asym_id 
_struct_conf.end_auth_seq_id 
_struct_conf.pdbx_PDB_helix_class 
_struct_conf.details 
_struct_conf.pdbx_PDB_helix_length 
HELX_P HELX_P1 AA1 LEU A 2 ? LEU A 10 ? LEU A 2 LEU A 10 1 ? 9 
HELX_P HELX_P2 AA2 LEU B 2 ? LEU B 10 ? LEU B 2 LEU B 10 1 ? 9 
# 
_struct_conf_type.id          HELX_P 
_struct_conf_type.criteria    ? 
_struct_conf_type.reference   ? 
# 
loop_
_struct_conn.id 
_struct_conn.conn_type_id 
_struct_conn.pdbx_leaving_atom_flag 
_struct_conn.pdbx_PDB_id 
_struct_conn.ptnr1_label_asym_id 
_struct_conn.ptnr1_label_comp_id 
_struct_conn.ptnr1_label_seq_id 
_struct_conn.ptnr1_label_atom_id 
_struct_conn.pdbx_ptnr1_label_alt_id 
_struct_conn.pdbx_ptnr1_PDB_ins_code 
_struct_conn.pdbx_ptnr1_standard_comp_id 
_struct_conn.ptnr1_symmetry 
_struct_conn.ptnr2_label_asym_id 
_struct_conn.ptnr2_label_comp_id 
_struct_conn.ptnr2_label_seq_id 
_struct_conn.ptnr2_label_atom_id 
_struct_conn.pdbx_ptnr2_label_alt_id 
_struct_conn.pdbx_ptnr2_PDB_ins_code 
_struct_conn.ptnr1_auth_asym_id 
_struct_conn.ptnr1_auth_comp_id 
_struct_conn.ptnr1_auth_seq_id 
_struct_conn.ptnr2_auth_asym_id 
_struct_conn.ptnr2_auth_comp_id 
_struct_conn.ptnr2_auth_seq_id 
_struct_conn.ptnr2_symmetry 
_struct_conn.pdbx_ptnr3_label_atom_id 
_struct_conn.pdbx_ptnr3_label_seq_id 
_struct_conn.pdbx_ptnr3_label_comp_id 
_struct_conn.pdbx_ptnr3_label_asym_id 
_struct_conn.pdbx_ptnr3_label_alt_id 
_struct_conn.pdbx_ptnr3_PDB_ins_code 
_struct_conn.details 
_struct_conn.pdbx_dist_value 
_struct_conn.pdbx_value_order 
_struct_conn.pdbx_role 
covale1  covale both ? A ACE 1  C   ? ? ? 1_555 A LEU 2  N  ? ? A ACE 1  A LEU 2   1_555 ? ? ? ? ? ? ? 1.422 ? ? 
covale2  covale both ? A LEU 2  C   ? ? ? 1_555 A AIB 3  N  ? ? A LEU 2  A AIB 3   1_555 ? ? ? ? ? ? ? 1.327 ? ? 
covale3  covale both ? A AIB 3  C   ? ? ? 1_555 A GLU 4  N  ? ? A AIB 3  A GLU 4   1_555 ? ? ? ? ? ? ? 1.326 ? ? 
covale4  covale both ? A GLU 4  C   ? ? ? 1_555 A AIB 5  N  ? ? A GLU 4  A AIB 5   1_555 ? ? ? ? ? ? ? 1.322 ? ? 
covale5  covale both ? A AIB 5  C   ? ? ? 1_555 A LEU 6  N  ? ? A AIB 5  A LEU 6   1_555 ? ? ? ? ? ? ? 1.332 ? ? 
covale6  covale both ? A GLY 8  C   ? ? ? 1_555 A AIB 9  N  ? ? A GLY 8  A AIB 9   1_555 ? ? ? ? ? ? ? 1.320 ? ? 
covale7  covale both ? A AIB 9  C   ? ? ? 1_555 A LEU 10 N  ? ? A AIB 9  A LEU 10  1_555 ? ? ? ? ? ? ? 1.326 ? ? 
covale8  covale both ? A LEU 10 C   ? ? ? 1_555 A NH2 11 N  ? ? A LEU 10 A NH2 11  1_555 ? ? ? ? ? ? ? 1.428 ? ? 
covale9  covale both ? B ACE 1  C   ? ? ? 1_555 B LEU 2  N  ? ? B ACE 1  B LEU 2   1_555 ? ? ? ? ? ? ? 1.421 ? ? 
covale10 covale both ? B LEU 2  C   ? ? ? 1_555 B AIB 3  N  ? ? B LEU 2  B AIB 3   1_555 ? ? ? ? ? ? ? 1.325 ? ? 
covale11 covale both ? B AIB 3  C   ? ? ? 1_555 B GLU 4  N  ? ? B AIB 3  B GLU 4   1_555 ? ? ? ? ? ? ? 1.328 ? ? 
covale12 covale both ? B GLU 4  C   ? ? ? 1_555 B AIB 5  N  ? ? B GLU 4  B AIB 5   1_555 ? ? ? ? ? ? ? 1.316 ? ? 
covale13 covale both ? B AIB 5  C   ? ? ? 1_555 B LEU 6  N  ? ? B AIB 5  B LEU 6   1_555 ? ? ? ? ? ? ? 1.336 ? ? 
covale14 covale both ? B GLY 8  C   ? ? ? 1_555 B AIB 9  N  ? ? B GLY 8  B AIB 9   1_555 ? ? ? ? ? ? ? 1.324 ? ? 
covale15 covale both ? B AIB 9  C   ? ? ? 1_555 B LEU 10 N  ? ? B AIB 9  B LEU 10  1_555 ? ? ? ? ? ? ? 1.324 ? ? 
covale16 covale both ? B LEU 10 C   ? ? ? 1_555 B NH2 11 N  ? ? B LEU 10 B NH2 11  1_555 ? ? ? ? ? ? ? 1.427 ? ? 
metalc1  metalc ?    ? A GLU 4  OE1 ? ? ? 1_555 C CO  .  CO ? ? A GLU 4  B CO  101 1_454 ? ? ? ? ? ? ? 2.627 ? ? 
metalc2  metalc ?    ? A GLU 4  OE2 ? ? ? 1_555 C CO  .  CO ? ? A GLU 4  B CO  101 1_454 ? ? ? ? ? ? ? 2.042 ? ? 
metalc3  metalc ?    ? A HIS 7  ND1 ? ? ? 1_555 C CO  .  CO ? ? A HIS 7  B CO  101 1_554 ? ? ? ? ? ? ? 2.105 ? ? 
metalc4  metalc ?    ? B GLU 4  OE2 ? ? ? 1_555 C CO  .  CO ? ? B GLU 4  B CO  101 1_455 ? ? ? ? ? ? ? 1.915 ? ? 
metalc5  metalc ?    ? B HIS 7  NE2 ? ? ? 1_555 C CO  .  CO ? ? B HIS 7  B CO  101 1_555 ? ? ? ? ? ? ? 2.079 ? ? 
# 
loop_
_struct_conn_type.id 
_struct_conn_type.criteria 
_struct_conn_type.reference 
covale ? ? 
metalc ? ? 
# 
loop_
_pdbx_struct_conn_angle.id 
_pdbx_struct_conn_angle.ptnr1_label_atom_id 
_pdbx_struct_conn_angle.ptnr1_label_alt_id 
_pdbx_struct_conn_angle.ptnr1_label_asym_id 
_pdbx_struct_conn_angle.ptnr1_label_comp_id 
_pdbx_struct_conn_angle.ptnr1_label_seq_id 
_pdbx_struct_conn_angle.ptnr1_auth_atom_id 
_pdbx_struct_conn_angle.ptnr1_auth_asym_id 
_pdbx_struct_conn_angle.ptnr1_auth_comp_id 
_pdbx_struct_conn_angle.ptnr1_auth_seq_id 
_pdbx_struct_conn_angle.ptnr1_PDB_ins_code 
_pdbx_struct_conn_angle.ptnr1_symmetry 
_pdbx_struct_conn_angle.ptnr2_label_atom_id 
_pdbx_struct_conn_angle.ptnr2_label_alt_id 
_pdbx_struct_conn_angle.ptnr2_label_asym_id 
_pdbx_struct_conn_angle.ptnr2_label_comp_id 
_pdbx_struct_conn_angle.ptnr2_label_seq_id 
_pdbx_struct_conn_angle.ptnr2_auth_atom_id 
_pdbx_struct_conn_angle.ptnr2_auth_asym_id 
_pdbx_struct_conn_angle.ptnr2_auth_comp_id 
_pdbx_struct_conn_angle.ptnr2_auth_seq_id 
_pdbx_struct_conn_angle.ptnr2_PDB_ins_code 
_pdbx_struct_conn_angle.ptnr2_symmetry 
_pdbx_struct_conn_angle.ptnr3_label_atom_id 
_pdbx_struct_conn_angle.ptnr3_label_alt_id 
_pdbx_struct_conn_angle.ptnr3_label_asym_id 
_pdbx_struct_conn_angle.ptnr3_label_comp_id 
_pdbx_struct_conn_angle.ptnr3_label_seq_id 
_pdbx_struct_conn_angle.ptnr3_auth_atom_id 
_pdbx_struct_conn_angle.ptnr3_auth_asym_id 
_pdbx_struct_conn_angle.ptnr3_auth_comp_id 
_pdbx_struct_conn_angle.ptnr3_auth_seq_id 
_pdbx_struct_conn_angle.ptnr3_PDB_ins_code 
_pdbx_struct_conn_angle.ptnr3_symmetry 
_pdbx_struct_conn_angle.value 
_pdbx_struct_conn_angle.value_esd 
1  OE1 ? A GLU 4 ? A GLU 4 ? 1_555 CO ? C CO . ? B CO 101 ? 1_454 OE2 ? A GLU 4 ? A GLU 4 ? 1_555 54.3 ? 
2  OE1 ? A GLU 4 ? A GLU 4 ? 1_555 CO ? C CO . ? B CO 101 ? 1_454 ND1 ? A HIS 7 ? A HIS 7 ? 1_555 52.3 ? 
3  OE2 ? A GLU 4 ? A GLU 4 ? 1_555 CO ? C CO . ? B CO 101 ? 1_454 ND1 ? A HIS 7 ? A HIS 7 ? 1_555 74.3 ? 
4  OE1 ? A GLU 4 ? A GLU 4 ? 1_555 CO ? C CO . ? B CO 101 ? 1_454 OE2 ? B GLU 4 ? B GLU 4 ? 1_555 80.1 ? 
5  OE2 ? A GLU 4 ? A GLU 4 ? 1_555 CO ? C CO . ? B CO 101 ? 1_454 OE2 ? B GLU 4 ? B GLU 4 ? 1_555 27.2 ? 
6  ND1 ? A HIS 7 ? A HIS 7 ? 1_555 CO ? C CO . ? B CO 101 ? 1_454 OE2 ? B GLU 4 ? B GLU 4 ? 1_555 82.6 ? 
7  OE1 ? A GLU 4 ? A GLU 4 ? 1_555 CO ? C CO . ? B CO 101 ? 1_454 NE2 ? B HIS 7 ? B HIS 7 ? 1_555 59.5 ? 
8  OE2 ? A GLU 4 ? A GLU 4 ? 1_555 CO ? C CO . ? B CO 101 ? 1_454 NE2 ? B HIS 7 ? B HIS 7 ? 1_555 17.8 ? 
9  ND1 ? A HIS 7 ? A HIS 7 ? 1_555 CO ? C CO . ? B CO 101 ? 1_454 NE2 ? B HIS 7 ? B HIS 7 ? 1_555 62.7 ? 
10 OE2 ? B GLU 4 ? B GLU 4 ? 1_555 CO ? C CO . ? B CO 101 ? 1_454 NE2 ? B HIS 7 ? B HIS 7 ? 1_555 22.9 ? 
# 
loop_
_pdbx_modification_feature.ordinal 
_pdbx_modification_feature.label_comp_id 
_pdbx_modification_feature.label_asym_id 
_pdbx_modification_feature.label_seq_id 
_pdbx_modification_feature.label_alt_id 
_pdbx_modification_feature.modified_residue_label_comp_id 
_pdbx_modification_feature.modified_residue_label_asym_id 
_pdbx_modification_feature.modified_residue_label_seq_id 
_pdbx_modification_feature.modified_residue_label_alt_id 
_pdbx_modification_feature.auth_comp_id 
_pdbx_modification_feature.auth_asym_id 
_pdbx_modification_feature.auth_seq_id 
_pdbx_modification_feature.PDB_ins_code 
_pdbx_modification_feature.symmetry 
_pdbx_modification_feature.modified_residue_auth_comp_id 
_pdbx_modification_feature.modified_residue_auth_asym_id 
_pdbx_modification_feature.modified_residue_auth_seq_id 
_pdbx_modification_feature.modified_residue_PDB_ins_code 
_pdbx_modification_feature.modified_residue_symmetry 
_pdbx_modification_feature.comp_id_linking_atom 
_pdbx_modification_feature.modified_residue_id_linking_atom 
_pdbx_modification_feature.modified_residue_id 
_pdbx_modification_feature.ref_pcm_id 
_pdbx_modification_feature.ref_comp_id 
_pdbx_modification_feature.type 
_pdbx_modification_feature.category 
1  AIB A 3  ? .   . .  . AIB A 3  ? 1_555 .   . .  . .     . . ALA 1  AIB Methylation 'Named protein modification' 
2  AIB A 5  ? .   . .  . AIB A 5  ? 1_555 .   . .  . .     . . ALA 1  AIB Methylation 'Named protein modification' 
3  AIB A 9  ? .   . .  . AIB A 9  ? 1_555 .   . .  . .     . . ALA 1  AIB Methylation 'Named protein modification' 
4  AIB B 3  ? .   . .  . AIB B 3  ? 1_555 .   . .  . .     . . ALA 1  AIB Methylation 'Named protein modification' 
5  AIB B 5  ? .   . .  . AIB B 5  ? 1_555 .   . .  . .     . . ALA 1  AIB Methylation 'Named protein modification' 
6  AIB B 9  ? .   . .  . AIB B 9  ? 1_555 .   . .  . .     . . ALA 1  AIB Methylation 'Named protein modification' 
7  ACE A 1  ? LEU A 2  ? ACE A 1  ? 1_555 LEU A 2  ? 1_555 . . LEU 14 ACE None        'Terminal acetylation'       
8  ACE B 1  ? LEU B 2  ? ACE B 1  ? 1_555 LEU B 2  ? 1_555 . . LEU 14 ACE None        'Terminal acetylation'       
9  NH2 A 11 ? LEU A 10 ? NH2 A 11 ? 1_555 LEU A 10 ? 1_555 . . LEU 14 NH2 None        'Terminal amidation'         
10 NH2 B 11 ? LEU B 10 ? NH2 B 11 ? 1_555 LEU B 10 ? 1_555 . . LEU 14 NH2 None        'Terminal amidation'         
# 
_pdbx_entry_details.entry_id                   9EFY 
_pdbx_entry_details.nonpolymer_details         ? 
_pdbx_entry_details.sequence_details           ? 
_pdbx_entry_details.compound_details           ? 
_pdbx_entry_details.source_details             ? 
_pdbx_entry_details.has_ligand_of_interest     N 
_pdbx_entry_details.has_protein_modification   Y 
# 
_space_group_symop.id              1 
_space_group_symop.operation_xyz   x,y,z 
# 
loop_
_chem_comp_atom.comp_id 
_chem_comp_atom.atom_id 
_chem_comp_atom.type_symbol 
_chem_comp_atom.pdbx_aromatic_flag 
_chem_comp_atom.pdbx_stereo_config 
_chem_comp_atom.pdbx_ordinal 
ACE C    C  N N 1   
ACE O    O  N N 2   
ACE CH3  C  N N 3   
ACE H    H  N N 4   
ACE H1   H  N N 5   
ACE H2   H  N N 6   
ACE H3   H  N N 7   
AIB N    N  N N 8   
AIB CA   C  N N 9   
AIB C    C  N N 10  
AIB O    O  N N 11  
AIB OXT  O  N N 12  
AIB CB1  C  N N 13  
AIB CB2  C  N N 14  
AIB H    H  N N 15  
AIB H2   H  N N 16  
AIB HXT  H  N N 17  
AIB HB11 H  N N 18  
AIB HB12 H  N N 19  
AIB HB13 H  N N 20  
AIB HB21 H  N N 21  
AIB HB22 H  N N 22  
AIB HB23 H  N N 23  
CO  CO   CO N N 24  
GLU N    N  N N 25  
GLU CA   C  N S 26  
GLU C    C  N N 27  
GLU O    O  N N 28  
GLU CB   C  N N 29  
GLU CG   C  N N 30  
GLU CD   C  N N 31  
GLU OE1  O  N N 32  
GLU OE2  O  N N 33  
GLU OXT  O  N N 34  
GLU H    H  N N 35  
GLU H2   H  N N 36  
GLU HA   H  N N 37  
GLU HB2  H  N N 38  
GLU HB3  H  N N 39  
GLU HG2  H  N N 40  
GLU HG3  H  N N 41  
GLU HE2  H  N N 42  
GLU HXT  H  N N 43  
GLY N    N  N N 44  
GLY CA   C  N N 45  
GLY C    C  N N 46  
GLY O    O  N N 47  
GLY OXT  O  N N 48  
GLY H    H  N N 49  
GLY H2   H  N N 50  
GLY HA2  H  N N 51  
GLY HA3  H  N N 52  
GLY HXT  H  N N 53  
HIS N    N  N N 54  
HIS CA   C  N S 55  
HIS C    C  N N 56  
HIS O    O  N N 57  
HIS CB   C  N N 58  
HIS CG   C  Y N 59  
HIS ND1  N  Y N 60  
HIS CD2  C  Y N 61  
HIS CE1  C  Y N 62  
HIS NE2  N  Y N 63  
HIS OXT  O  N N 64  
HIS H    H  N N 65  
HIS H2   H  N N 66  
HIS HA   H  N N 67  
HIS HB2  H  N N 68  
HIS HB3  H  N N 69  
HIS HD1  H  N N 70  
HIS HD2  H  N N 71  
HIS HE1  H  N N 72  
HIS HE2  H  N N 73  
HIS HXT  H  N N 74  
HOH O    O  N N 75  
HOH H1   H  N N 76  
HOH H2   H  N N 77  
LEU N    N  N N 78  
LEU CA   C  N S 79  
LEU C    C  N N 80  
LEU O    O  N N 81  
LEU CB   C  N N 82  
LEU CG   C  N N 83  
LEU CD1  C  N N 84  
LEU CD2  C  N N 85  
LEU OXT  O  N N 86  
LEU H    H  N N 87  
LEU H2   H  N N 88  
LEU HA   H  N N 89  
LEU HB2  H  N N 90  
LEU HB3  H  N N 91  
LEU HG   H  N N 92  
LEU HD11 H  N N 93  
LEU HD12 H  N N 94  
LEU HD13 H  N N 95  
LEU HD21 H  N N 96  
LEU HD22 H  N N 97  
LEU HD23 H  N N 98  
LEU HXT  H  N N 99  
NH2 N    N  N N 100 
NH2 HN1  H  N N 101 
NH2 HN2  H  N N 102 
# 
loop_
_chem_comp_bond.comp_id 
_chem_comp_bond.atom_id_1 
_chem_comp_bond.atom_id_2 
_chem_comp_bond.value_order 
_chem_comp_bond.pdbx_aromatic_flag 
_chem_comp_bond.pdbx_stereo_config 
_chem_comp_bond.pdbx_ordinal 
ACE C   O    doub N N 1  
ACE C   CH3  sing N N 2  
ACE C   H    sing N N 3  
ACE CH3 H1   sing N N 4  
ACE CH3 H2   sing N N 5  
ACE CH3 H3   sing N N 6  
AIB N   CA   sing N N 7  
AIB N   H    sing N N 8  
AIB N   H2   sing N N 9  
AIB CA  C    sing N N 10 
AIB CA  CB1  sing N N 11 
AIB CA  CB2  sing N N 12 
AIB C   O    doub N N 13 
AIB C   OXT  sing N N 14 
AIB OXT HXT  sing N N 15 
AIB CB1 HB11 sing N N 16 
AIB CB1 HB12 sing N N 17 
AIB CB1 HB13 sing N N 18 
AIB CB2 HB21 sing N N 19 
AIB CB2 HB22 sing N N 20 
AIB CB2 HB23 sing N N 21 
GLU N   CA   sing N N 22 
GLU N   H    sing N N 23 
GLU N   H2   sing N N 24 
GLU CA  C    sing N N 25 
GLU CA  CB   sing N N 26 
GLU CA  HA   sing N N 27 
GLU C   O    doub N N 28 
GLU C   OXT  sing N N 29 
GLU CB  CG   sing N N 30 
GLU CB  HB2  sing N N 31 
GLU CB  HB3  sing N N 32 
GLU CG  CD   sing N N 33 
GLU CG  HG2  sing N N 34 
GLU CG  HG3  sing N N 35 
GLU CD  OE1  doub N N 36 
GLU CD  OE2  sing N N 37 
GLU OE2 HE2  sing N N 38 
GLU OXT HXT  sing N N 39 
GLY N   CA   sing N N 40 
GLY N   H    sing N N 41 
GLY N   H2   sing N N 42 
GLY CA  C    sing N N 43 
GLY CA  HA2  sing N N 44 
GLY CA  HA3  sing N N 45 
GLY C   O    doub N N 46 
GLY C   OXT  sing N N 47 
GLY OXT HXT  sing N N 48 
HIS N   CA   sing N N 49 
HIS N   H    sing N N 50 
HIS N   H2   sing N N 51 
HIS CA  C    sing N N 52 
HIS CA  CB   sing N N 53 
HIS CA  HA   sing N N 54 
HIS C   O    doub N N 55 
HIS C   OXT  sing N N 56 
HIS CB  CG   sing N N 57 
HIS CB  HB2  sing N N 58 
HIS CB  HB3  sing N N 59 
HIS CG  ND1  sing Y N 60 
HIS CG  CD2  doub Y N 61 
HIS ND1 CE1  doub Y N 62 
HIS ND1 HD1  sing N N 63 
HIS CD2 NE2  sing Y N 64 
HIS CD2 HD2  sing N N 65 
HIS CE1 NE2  sing Y N 66 
HIS CE1 HE1  sing N N 67 
HIS NE2 HE2  sing N N 68 
HIS OXT HXT  sing N N 69 
HOH O   H1   sing N N 70 
HOH O   H2   sing N N 71 
LEU N   CA   sing N N 72 
LEU N   H    sing N N 73 
LEU N   H2   sing N N 74 
LEU CA  C    sing N N 75 
LEU CA  CB   sing N N 76 
LEU CA  HA   sing N N 77 
LEU C   O    doub N N 78 
LEU C   OXT  sing N N 79 
LEU CB  CG   sing N N 80 
LEU CB  HB2  sing N N 81 
LEU CB  HB3  sing N N 82 
LEU CG  CD1  sing N N 83 
LEU CG  CD2  sing N N 84 
LEU CG  HG   sing N N 85 
LEU CD1 HD11 sing N N 86 
LEU CD1 HD12 sing N N 87 
LEU CD1 HD13 sing N N 88 
LEU CD2 HD21 sing N N 89 
LEU CD2 HD22 sing N N 90 
LEU CD2 HD23 sing N N 91 
LEU OXT HXT  sing N N 92 
NH2 N   HN1  sing N N 93 
NH2 N   HN2  sing N N 94 
# 
loop_
_pdbx_audit_support.funding_organization 
_pdbx_audit_support.country 
_pdbx_audit_support.grant_number 
_pdbx_audit_support.ordinal 
'National Institutes of Health/National Institute of General Medical Sciences (NIH/NIGMS)' 'United States' 1R35GM15479301    1 
'Department of Energy (DOE, United States)'                                                'United States' DE-AC02-06CH11357 2 
# 
_pdbx_initial_refinement_model.id               1 
_pdbx_initial_refinement_model.entity_id_list   ? 
_pdbx_initial_refinement_model.type             'experimental model' 
_pdbx_initial_refinement_model.source_name      PDB 
_pdbx_initial_refinement_model.accession_code   7TLS 
_pdbx_initial_refinement_model.details          ? 
# 
_space_group.name_H-M_alt     'P 1' 
_space_group.name_Hall        'P 1' 
_space_group.IT_number        1 
_space_group.crystal_system   triclinic 
_space_group.id               1 
# 
_atom_sites.entry_id                    9EFY 
_atom_sites.Cartn_transf_matrix[1][1]   ? 
_atom_sites.Cartn_transf_matrix[1][2]   ? 
_atom_sites.Cartn_transf_matrix[1][3]   ? 
_atom_sites.Cartn_transf_matrix[2][1]   ? 
_atom_sites.Cartn_transf_matrix[2][2]   ? 
_atom_sites.Cartn_transf_matrix[2][3]   ? 
_atom_sites.Cartn_transf_matrix[3][1]   ? 
_atom_sites.Cartn_transf_matrix[3][2]   ? 
_atom_sites.Cartn_transf_matrix[3][3]   ? 
_atom_sites.Cartn_transf_vector[1]      ? 
_atom_sites.Cartn_transf_vector[2]      ? 
_atom_sites.Cartn_transf_vector[3]      ? 
_atom_sites.Cartn_transform_axes        ? 
_atom_sites.fract_transf_matrix[1][1]   0.06467378 
_atom_sites.fract_transf_matrix[1][2]   -0.02452950 
_atom_sites.fract_transf_matrix[1][3]   0.07594226 
_atom_sites.fract_transf_matrix[2][1]   0.00018555 
_atom_sites.fract_transf_matrix[2][2]   0.06983407 
_atom_sites.fract_transf_matrix[2][3]   -0.00920650 
_atom_sites.fract_transf_matrix[3][1]   -0.03487897 
_atom_sites.fract_transf_matrix[3][2]   -0.01549506 
_atom_sites.fract_transf_matrix[3][3]   0.03291228 
_atom_sites.fract_transf_vector[1]      0.432900 
_atom_sites.fract_transf_vector[2]      0.375013 
_atom_sites.fract_transf_vector[3]      0.049452 
_atom_sites.solution_primary            ? 
_atom_sites.solution_secondary          ? 
_atom_sites.solution_hydrogens          ? 
_atom_sites.special_details             ? 
# 
loop_
_atom_type.symbol 
_atom_type.scat_dispersion_real 
_atom_type.scat_dispersion_imag 
_atom_type.scat_Cromer_Mann_a1 
_atom_type.scat_Cromer_Mann_a2 
_atom_type.scat_Cromer_Mann_a3 
_atom_type.scat_Cromer_Mann_a4 
_atom_type.scat_Cromer_Mann_b1 
_atom_type.scat_Cromer_Mann_b2 
_atom_type.scat_Cromer_Mann_b3 
_atom_type.scat_Cromer_Mann_b4 
_atom_type.scat_Cromer_Mann_c 
_atom_type.scat_source 
_atom_type.scat_dispersion_source 
C  ? ? 2.51340  1.74867 1.72398 ? 31.80534 0.44561  10.58317 ? 0.0 
;3-Gaussian fit: Grosse-Kunstleve RW, Sauter NK, Adams PD: Newsletter of the IUCr Commission on Crystallographic Computing 2004, 3, 22-31.
;
? 
CO ? ? 14.25116 9.13684 3.55259 ? 5.36759  0.30544  48.44770 ? 0.0 
;3-Gaussian fit: Grosse-Kunstleve RW, Sauter NK, Adams PD: Newsletter of the IUCr Commission on Crystallographic Computing 2004, 3, 22-31.
;
? 
H  ? ? 0.53795  0.34799 0.11320 ? 10.08003 29.74760 2.57510  ? 0.0 
;3-Gaussian fit: Grosse-Kunstleve RW, Sauter NK, Adams PD: Newsletter of the IUCr Commission on Crystallographic Computing 2004, 3, 22-31.
;
? 
N  ? ? 2.99955  2.25584 1.72788 ? 23.27268 7.45433  0.31622  ? 0.0 
;3-Gaussian fit: Grosse-Kunstleve RW, Sauter NK, Adams PD: Newsletter of the IUCr Commission on Crystallographic Computing 2004, 3, 22-31.
;
? 
O  ? ? 4.49882  3.47563 ?       ? 15.80542 1.70748  ?        ? 0.0 
;2-Gaussian fit: Grosse-Kunstleve RW, Sauter NK, Adams PD: Newsletter of the IUCr Commission on Crystallographic Computing 2004, 3, 22-31.
;
? 
# 
loop_
_atom_site.group_PDB 
_atom_site.id 
_atom_site.type_symbol 
_atom_site.label_atom_id 
_atom_site.label_alt_id 
_atom_site.label_comp_id 
_atom_site.label_asym_id 
_atom_site.label_entity_id 
_atom_site.label_seq_id 
_atom_site.pdbx_PDB_ins_code 
_atom_site.Cartn_x 
_atom_site.Cartn_y 
_atom_site.Cartn_z 
_atom_site.occupancy 
_atom_site.B_iso_or_equiv 
_atom_site.pdbx_formal_charge 
_atom_site.auth_seq_id 
_atom_site.auth_comp_id 
_atom_site.auth_asym_id 
_atom_site.auth_atom_id 
_atom_site.pdbx_PDB_model_num 
HETATM 1   C  C    . ACE A 1 1  ? 2.47219   -6.64577 -5.82101  1.000 7.64528  ? 1   ACE A C    1 
HETATM 2   O  O    . ACE A 1 1  ? 2.26049   -5.39908 -5.63243  1.000 7.74944  ? 1   ACE A O    1 
HETATM 3   C  CH3  . ACE A 1 1  ? 2.04121   -7.27323 -7.14109  1.000 8.03554  ? 1   ACE A CH3  1 
HETATM 4   H  H1   . ACE A 1 1  ? 2.74353   -7.18552 -7.80439  1.000 9.64265  ? 1   ACE A H1   1 
HETATM 5   H  H2   . ACE A 1 1  ? 1.24355   -6.83764 -7.48002  1.000 9.64265  ? 1   ACE A H2   1 
HETATM 6   H  H3   . ACE A 1 1  ? 1.84821   -8.21635 -7.02209  1.000 9.64265  ? 1   ACE A H3   1 
ATOM   7   N  N    . LEU A 1 2  ? 3.19573   -7.35370 -4.82262  1.000 7.64717  ? 2   LEU A N    1 
ATOM   8   C  CA   . LEU A 1 2  ? 3.46683   -6.70625 -3.55729  1.000 7.63062  ? 2   LEU A CA   1 
ATOM   9   C  C    . LEU A 1 2  ? 4.40440   -5.50657 -3.71493  1.000 7.15046  ? 2   LEU A C    1 
ATOM   10  O  O    . LEU A 1 2  ? 4.17122   -4.45889 -3.12316  1.000 7.45341  ? 2   LEU A O    1 
ATOM   11  C  CB   . LEU A 1 2  ? 4.04054   -7.74162 -2.59225  1.000 8.26685  ? 2   LEU A CB   1 
ATOM   12  C  CG   . LEU A 1 2  ? 4.40318   -7.17661 -1.22423  1.000 8.97075  ? 2   LEU A CG   1 
ATOM   13  C  CD1  . LEU A 1 2  ? 3.16246   -6.79612 -0.41163  1.000 10.45793 ? 2   LEU A CD1  1 
ATOM   14  C  CD2  . LEU A 1 2  ? 5.25142   -8.19856 -0.50197  1.000 9.92906  ? 2   LEU A CD2  1 
ATOM   15  H  H    . LEU A 1 2  ? 3.33385   -8.20395 -4.82096  1.000 9.17661  ? 2   LEU A H    1 
ATOM   16  H  HA   . LEU A 1 2  ? 2.64586   -6.35072 -3.18245  1.000 9.15674  ? 2   LEU A HA   1 
ATOM   17  H  HB2  . LEU A 1 2  ? 3.38132   -8.44054 -2.45872  1.000 9.92022  ? 2   LEU A HB2  1 
ATOM   18  H  HB3  . LEU A 1 2  ? 4.84653   -8.11571 -2.98127  1.000 9.92022  ? 2   LEU A HB3  1 
ATOM   19  H  HG   . LEU A 1 2  ? 4.90568   -6.35349 -1.32849  1.000 10.76490 ? 2   LEU A HG   1 
ATOM   20  H  HD11 . LEU A 1 2  ? 3.44213   -6.47326 0.45926   1.000 12.54952 ? 2   LEU A HD11 1 
ATOM   21  H  HD12 . LEU A 1 2  ? 2.67782   -6.10015 -0.88242  1.000 12.54952 ? 2   LEU A HD12 1 
ATOM   22  H  HD13 . LEU A 1 2  ? 2.59975   -7.57952 -0.30893  1.000 12.54952 ? 2   LEU A HD13 1 
ATOM   23  H  HD21 . LEU A 1 2  ? 5.46048   -7.86553 0.38476   1.000 11.91487 ? 2   LEU A HD21 1 
ATOM   24  H  HD22 . LEU A 1 2  ? 4.75578   -9.02967 -0.43481  1.000 11.91487 ? 2   LEU A HD22 1 
ATOM   25  H  HD23 . LEU A 1 2  ? 6.06957   -8.34092 -1.00323  1.000 11.91487 ? 2   LEU A HD23 1 
HETATM 26  N  N    . AIB A 1 3  ? 5.46490   -5.65936 -4.49798  1.000 8.63258  ? 3   AIB A N    1 
HETATM 27  C  CA   . AIB A 1 3  ? 6.38309   -4.57225 -4.76394  1.000 9.46400  ? 3   AIB A CA   1 
HETATM 28  C  C    . AIB A 1 3  ? 5.66019   -3.29294 -5.18323  1.000 8.80938  ? 3   AIB A C    1 
HETATM 29  O  O    . AIB A 1 3  ? 5.85238   -2.19305 -4.69216  1.000 9.95302  ? 3   AIB A O    1 
HETATM 30  C  CB1  . AIB A 1 3  ? 7.22823   -4.26424 -3.52231  1.000 10.32682 ? 3   AIB A CB1  1 
HETATM 31  C  CB2  . AIB A 1 3  ? 7.34050   -4.93475 -5.90498  1.000 10.79020 ? 3   AIB A CB2  1 
HETATM 32  H  H    . AIB A 1 3  ? 5.90986   -6.53780 -4.67787  1.000 10.35910 ? 3   AIB A H    1 
HETATM 33  H  HB11 . AIB A 1 3  ? 7.88101   -5.13779 -3.28516  1.000 12.39218 ? 3   AIB A HB11 1 
HETATM 34  H  HB12 . AIB A 1 3  ? 6.55914   -4.05863 -2.65312  1.000 12.39218 ? 3   AIB A HB12 1 
HETATM 35  H  HB13 . AIB A 1 3  ? 7.86694   -3.36945 -3.71426  1.000 12.39218 ? 3   AIB A HB13 1 
HETATM 36  H  HB21 . AIB A 1 3  ? 8.01992   -4.06979 -6.09975  1.000 12.94824 ? 3   AIB A HB21 1 
HETATM 37  H  HB22 . AIB A 1 3  ? 6.74506   -5.16398 -6.82182  1.000 12.94824 ? 3   AIB A HB22 1 
HETATM 38  H  HB23 . AIB A 1 3  ? 7.93995   -5.82922 -5.60789  1.000 12.94824 ? 3   AIB A HB23 1 
ATOM   39  N  N    . GLU A 1 4  ? 4.78004   -3.48227 -6.15610  1.000 8.14556  ? 4   GLU A N    1 
ATOM   40  C  CA   . GLU A 1 4  ? 3.96168   -2.40246 -6.70658  1.000 8.39222  ? 4   GLU A CA   1 
ATOM   41  C  C    . GLU A 1 4  ? 3.09398   -1.74136 -5.63687  1.000 7.39552  ? 4   GLU A C    1 
ATOM   42  O  O    . GLU A 1 4  ? 3.08578   -0.52051 -5.47942  1.000 8.61708  ? 4   GLU A O    1 
ATOM   43  C  CB   . GLU A 1 4  ? 3.06822   -2.98151 -7.80033  1.000 10.03886 ? 4   GLU A CB   1 
ATOM   44  C  CG   . GLU A 1 4  ? 2.11300   -2.00629 -8.41467  1.000 11.24532 ? 4   GLU A CG   1 
ATOM   45  C  CD   . GLU A 1 4  ? 2.70305   -1.25880 -9.58202  1.000 11.18480 ? 4   GLU A CD   1 
ATOM   46  O  OE1  . GLU A 1 4  ? 3.88402   -1.47622 -9.93276  1.000 11.31364 ? 4   GLU A OE1  1 
ATOM   47  O  OE2  . GLU A 1 4  ? 1.96766   -0.43392 -10.14899 1.000 10.70564 ? 4   GLU A OE2  1 
ATOM   48  H  H    . GLU A 1 4  ? 4.63150   -4.24427 -6.52611  1.000 9.77468  ? 4   GLU A H    1 
ATOM   49  H  HA   . GLU A 1 4  ? 4.53802   -1.71405 -7.07379  1.000 10.07066 ? 4   GLU A HA   1 
ATOM   50  H  HB2  . GLU A 1 4  ? 3.63370   -3.32255 -8.51084  1.000 12.04663 ? 4   GLU A HB2  1 
ATOM   51  H  HB3  . GLU A 1 4  ? 2.54340   -3.70264 -7.41897  1.000 12.04663 ? 4   GLU A HB3  1 
ATOM   52  H  HG2  . GLU A 1 4  ? 1.33233   -2.48698 -8.73152  1.000 13.49438 ? 4   GLU A HG2  1 
ATOM   53  H  HG3  . GLU A 1 4  ? 1.85241   -1.35558 -7.74418  1.000 13.49438 ? 4   GLU A HG3  1 
HETATM 54  N  N    . AIB A 1 5  ? 2.33318   -2.56964 -4.94160  1.000 6.95463  ? 5   AIB A N    1 
HETATM 55  C  CA   . AIB A 1 5  ? 1.45071   -2.13890 -3.89380  1.000 7.02523  ? 5   AIB A CA   1 
HETATM 56  C  C    . AIB A 1 5  ? 2.15020   -1.31260 -2.80940  1.000 6.96916  ? 5   AIB A C    1 
HETATM 57  O  O    . AIB A 1 5  ? 1.72486   -0.23668 -2.42296  1.000 7.21818  ? 5   AIB A O    1 
HETATM 58  C  CB1  . AIB A 1 5  ? 0.30968   -1.29175 -4.48515  1.000 7.77139  ? 5   AIB A CB1  1 
HETATM 59  C  CB2  . AIB A 1 5  ? 0.86650   -3.36360 -3.18595  1.000 7.07022  ? 5   AIB A CB2  1 
HETATM 60  H  H    . AIB A 1 5  ? 2.03279   -3.46297 -5.27882  1.000 8.34556  ? 5   AIB A H    1 
HETATM 61  H  HB11 . AIB A 1 5  ? -0.27806  -1.90485 -5.20911  1.000 9.32567  ? 5   AIB A HB11 1 
HETATM 62  H  HB12 . AIB A 1 5  ? 0.73408   -0.40525 -5.01379  1.000 9.32567  ? 5   AIB A HB12 1 
HETATM 63  H  HB13 . AIB A 1 5  ? -0.36402  -0.94370 -3.66633  1.000 9.32567  ? 5   AIB A HB13 1 
HETATM 64  H  HB21 . AIB A 1 5  ? -0.00663  -3.04487 -2.56648  1.000 8.48426  ? 5   AIB A HB21 1 
HETATM 65  H  HB22 . AIB A 1 5  ? 1.65117   -3.81586 -2.53217  1.000 8.48426  ? 5   AIB A HB22 1 
HETATM 66  H  HB23 . AIB A 1 5  ? 0.53722   -4.10574 -3.95308  1.000 8.48426  ? 5   AIB A HB23 1 
ATOM   67  N  N    . LEU A 1 6  ? 3.25783   -1.85042 -2.30246  1.000 6.88587  ? 6   LEU A N    1 
ATOM   68  C  CA   . LEU A 1 6  ? 3.98478   -1.18923 -1.22503  1.000 6.91187  ? 6   LEU A CA   1 
ATOM   69  C  C    . LEU A 1 6  ? 4.59100   0.09272  -1.73706  1.000 6.89156  ? 6   LEU A C    1 
ATOM   70  O  O    . LEU A 1 6  ? 4.54948   1.11817  -1.06950  1.000 7.52972  ? 6   LEU A O    1 
ATOM   71  C  CB   . LEU A 1 6  ? 5.09416   -2.06829 -0.65317  1.000 7.86208  ? 6   LEU A CB   1 
ATOM   72  C  CG   . LEU A 1 6  ? 4.61621   -3.24457 0.18644   1.000 8.87899  ? 6   LEU A CG   1 
ATOM   73  C  CD1  . LEU A 1 6  ? 5.79694   -4.12726 0.54829   1.000 8.59362  ? 6   LEU A CD1  1 
ATOM   74  C  CD2  . LEU A 1 6  ? 3.89193   -2.76879 1.43861   1.000 9.96863  ? 6   LEU A CD2  1 
ATOM   75  H  H    . LEU A 1 6  ? 3.60513   -2.59227 -2.56443  1.000 8.26305  ? 6   LEU A H    1 
ATOM   76  H  HA   . LEU A 1 6  ? 3.36337   -1.00565 -0.50319  1.000 8.29424  ? 6   LEU A HA   1 
ATOM   77  H  HB2  . LEU A 1 6  ? 5.61075   -2.42804 -1.39114  1.000 9.43450  ? 6   LEU A HB2  1 
ATOM   78  H  HB3  . LEU A 1 6  ? 5.66011   -1.51858 -0.08890  1.000 9.43450  ? 6   LEU A HB3  1 
ATOM   79  H  HG   . LEU A 1 6  ? 3.98249   -3.76797 -0.32868  1.000 10.65479 ? 6   LEU A HG   1 
ATOM   80  H  HD11 . LEU A 1 6  ? 5.47773   -4.88847 1.05778   1.000 10.31235 ? 6   LEU A HD11 1 
ATOM   81  H  HD12 . LEU A 1 6  ? 6.22558   -4.43122 -0.26704  1.000 10.31235 ? 6   LEU A HD12 1 
ATOM   82  H  HD13 . LEU A 1 6  ? 6.42443   -3.61301 1.07999   1.000 10.31235 ? 6   LEU A HD13 1 
ATOM   83  H  HD21 . LEU A 1 6  ? 3.70647   -3.53342 2.00592   1.000 11.96235 ? 6   LEU A HD21 1 
ATOM   84  H  HD22 . LEU A 1 6  ? 4.45737   -2.13687 1.90962   1.000 11.96235 ? 6   LEU A HD22 1 
ATOM   85  H  HD23 . LEU A 1 6  ? 3.06134   -2.34007 1.17934   1.000 11.96235 ? 6   LEU A HD23 1 
ATOM   86  N  N    . HIS A 1 7  ? 5.15760   0.05343  -2.93980  1.000 7.39994  ? 7   HIS A N    1 
ATOM   87  C  CA   . HIS A 1 7  ? 5.77529   1.26202  -3.45236  1.000 7.91446  ? 7   HIS A CA   1 
ATOM   88  C  C    . HIS A 1 7  ? 4.74382   2.37371  -3.59093  1.000 8.86805  ? 7   HIS A C    1 
ATOM   89  O  O    . HIS A 1 7  ? 4.98038   3.51588  -3.18550  1.000 10.51437 ? 7   HIS A O    1 
ATOM   90  C  CB   . HIS A 1 7  ? 6.45297   1.00185  -4.78182  1.000 7.58078  ? 7   HIS A CB   1 
ATOM   91  C  CG   . HIS A 1 7  ? 7.13925   2.21192  -5.28617  1.000 8.63724  ? 7   HIS A CG   1 
ATOM   92  N  ND1  . HIS A 1 7  ? 8.48189   2.42764  -5.09227  1.000 9.28674  ? 7   HIS A ND1  1 
ATOM   93  C  CD2  . HIS A 1 7  ? 6.64630   3.33191  -5.85867  1.000 9.60656  ? 7   HIS A CD2  1 
ATOM   94  C  CE1  . HIS A 1 7  ? 8.79960   3.61026  -5.58282  1.000 9.47533  ? 7   HIS A CE1  1 
ATOM   95  N  NE2  . HIS A 1 7  ? 7.70373   4.18120  -6.04925  1.000 10.10245 ? 7   HIS A NE2  1 
ATOM   96  H  H    . HIS A 1 7  ? 5.19455   -0.63394 -3.45532  1.000 8.87993  ? 7   HIS A H    1 
ATOM   97  H  HA   . HIS A 1 7  ? 6.46054   1.54466  -2.82670  1.000 9.49735  ? 7   HIS A HA   1 
ATOM   98  H  HB2  . HIS A 1 7  ? 7.11273   0.29910  -4.67332  1.000 9.09694  ? 7   HIS A HB2  1 
ATOM   99  H  HB3  . HIS A 1 7  ? 5.78701   0.73384  -5.43417  1.000 9.09694  ? 7   HIS A HB3  1 
ATOM   100 H  HD2  . HIS A 1 7  ? 5.75814   3.49511  -6.08101  1.000 11.52787 ? 7   HIS A HD2  1 
ATOM   101 H  HE1  . HIS A 1 7  ? 9.65272   3.98020  -5.59775  1.000 11.37039 ? 7   HIS A HE1  1 
ATOM   102 H  HE2  . HIS A 1 7  ? 7.66113   4.95922  -6.41319  1.000 12.12294 ? 7   HIS A HE2  1 
ATOM   103 N  N    . GLY A 1 8  ? 3.58597   2.04982  -4.14664  1.000 8.73547  ? 8   GLY A N    1 
ATOM   104 C  CA   . GLY A 1 8  ? 2.50976   3.00518  -4.27298  1.000 9.62028  ? 8   GLY A CA   1 
ATOM   105 C  C    . GLY A 1 8  ? 2.00649   3.52494  -2.94714  1.000 9.29442  ? 8   GLY A C    1 
ATOM   106 O  O    . GLY A 1 8  ? 1.79068   4.71893  -2.78751  1.000 11.09464 ? 8   GLY A O    1 
ATOM   107 H  H    . GLY A 1 8  ? 3.40069   1.27118  -4.46127  1.000 10.48256 ? 8   GLY A H    1 
ATOM   108 H  HA2  . GLY A 1 8  ? 2.81821   3.76196  -4.79554  1.000 11.54433 ? 8   GLY A HA2  1 
ATOM   109 H  HA3  . GLY A 1 8  ? 1.76644   2.58535  -4.73353  1.000 11.54433 ? 8   GLY A HA3  1 
HETATM 110 N  N    . AIB A 1 9  ? 1.75704   2.62312  -2.01646  1.000 8.17895  ? 9   AIB A N    1 
HETATM 111 C  CA   . AIB A 1 9  ? 1.31515   2.99076  -0.69583  1.000 9.42762  ? 9   AIB A CA   1 
HETATM 112 C  C    . AIB A 1 9  ? 2.18903   4.01776  0.01719   1.000 8.37961  ? 9   AIB A C    1 
HETATM 113 O  O    . AIB A 1 9  ? 1.74083   4.93341  0.70240   1.000 8.98029  ? 9   AIB A O    1 
HETATM 114 C  CB1  . AIB A 1 9  ? -0.11863  3.56009  -0.75198  1.000 10.11801 ? 9   AIB A CB1  1 
HETATM 115 C  CB2  . AIB A 1 9  ? 1.34067   1.74501  0.19347   1.000 10.72864 ? 9   AIB A CB2  1 
HETATM 116 H  H    . AIB A 1 9  ? 1.51499   1.67066  -2.20686  1.000 9.81474  ? 9   AIB A H    1 
HETATM 117 H  HB11 . AIB A 1 9  ? -0.79737  2.82288  -1.24319  1.000 12.14161 ? 9   AIB A HB11 1 
HETATM 118 H  HB12 . AIB A 1 9  ? -0.12352  4.51065  -1.33667  1.000 12.14161 ? 9   AIB A HB12 1 
HETATM 119 H  HB13 . AIB A 1 9  ? -0.48375  3.76318  0.28286   1.000 12.14161 ? 9   AIB A HB13 1 
HETATM 120 H  HB21 . AIB A 1 9  ? 1.40689   2.06140  1.26267   1.000 12.87437 ? 9   AIB A HB21 1 
HETATM 121 H  HB22 . AIB A 1 9  ? 2.22940   1.12368  -0.07452  1.000 12.87437 ? 9   AIB A HB22 1 
HETATM 122 H  HB23 . AIB A 1 9  ? 0.40399   1.15942  0.02796   1.000 12.87437 ? 9   AIB A HB23 1 
ATOM   123 N  N    . LEU A 1 10 ? 3.49344   3.85074  -0.14971  1.000 9.82223  ? 10  LEU A N    1 
ATOM   124 C  CA   . LEU A 1 10 ? 4.42316   4.60608  0.66715   1.000 11.54252 ? 10  LEU A CA   1 
ATOM   125 C  C    . LEU A 1 10 ? 4.90087   5.88068  -0.01236  1.000 12.08109 ? 10  LEU A C    1 
ATOM   126 O  O    . LEU A 1 10 ? 5.33647   6.81117  0.65800   1.000 12.47925 ? 10  LEU A O    1 
ATOM   127 C  CB   . LEU A 1 10 ? 5.60607   3.72219  1.07219   1.000 12.70797 ? 10  LEU A CB   1 
ATOM   128 C  CG   . LEU A 1 10 ? 5.39463   2.87038  2.33170   1.000 14.00407 ? 10  LEU A CG   1 
ATOM   129 C  CD1  . LEU A 1 10 ? 5.25876   3.76298  3.55489   1.000 14.88428 ? 10  LEU A CD1  1 
ATOM   130 C  CD2  . LEU A 1 10 ? 4.20366   1.93105  2.22816   1.000 13.99813 ? 10  LEU A CD2  1 
ATOM   131 H  H    . LEU A 1 10 ? 3.85511   3.31641  -0.71829  1.000 11.78667 ? 10  LEU A H    1 
ATOM   132 H  HA   . LEU A 1 10 ? 3.96405   4.88878  1.47350   1.000 13.85102 ? 10  LEU A HA   1 
ATOM   133 H  HB2  . LEU A 1 10 ? 5.79628   3.11439  0.34055   1.000 15.24956 ? 10  LEU A HB2  1 
ATOM   134 H  HB3  . LEU A 1 10 ? 6.37184   4.29477  1.23546   1.000 15.24956 ? 10  LEU A HB3  1 
ATOM   135 H  HG   . LEU A 1 10 ? 6.17693   2.30540  2.43019   1.000 16.80488 ? 10  LEU A HG   1 
ATOM   136 H  HD11 . LEU A 1 10 ? 5.26438   3.20981  4.35169   1.000 17.86113 ? 10  LEU A HD11 1 
ATOM   137 H  HD12 . LEU A 1 10 ? 6.00419   4.38325  3.57757   1.000 17.86113 ? 10  LEU A HD12 1 
ATOM   138 H  HD13 . LEU A 1 10 ? 4.42307   4.25209  3.49766   1.000 17.86113 ? 10  LEU A HD13 1 
ATOM   139 H  HD21 . LEU A 1 10 ? 4.17007   1.37497  3.02224   1.000 16.79776 ? 10  LEU A HD21 1 
ATOM   140 H  HD22 . LEU A 1 10 ? 3.39171   2.45710  2.15814   1.000 16.79776 ? 10  LEU A HD22 1 
ATOM   141 H  HD23 . LEU A 1 10 ? 4.30706   1.37574  1.43959   1.000 16.79776 ? 10  LEU A HD23 1 
HETATM 142 N  N    . NH2 A 1 11 ? 4.25987   6.24943  -1.23428  1.000 12.47677 ? 11  NH2 A N    1 
HETATM 143 H  HN1  . NH2 A 1 11 ? 3.40945   6.45901  -1.07813  1.000 14.97213 ? 11  NH2 A HN1  1 
HETATM 144 H  HN2  . NH2 A 1 11 ? 4.23713   5.59808  -1.84018  1.000 14.97213 ? 11  NH2 A HN2  1 
HETATM 145 C  C    . ACE B 1 1  ? -6.99191  5.99469  0.63080   1.000 7.08634  ? 1   ACE B C    1 
HETATM 146 O  O    . ACE B 1 1  ? -6.67644  4.76269  0.57364   1.000 7.33579  ? 1   ACE B O    1 
HETATM 147 C  CH3  . ACE B 1 1  ? -8.29072  6.40622  0.01345   1.000 8.03554  ? 1   ACE B CH3  1 
HETATM 148 H  H1   . ACE B 1 1  ? -9.00526  6.36890  0.66839   1.000 9.64265  ? 1   ACE B H1   1 
HETATM 149 H  H2   . ACE B 1 1  ? -8.51882  5.81725  -0.72275  1.000 9.64265  ? 1   ACE B H2   1 
HETATM 150 H  H3   . ACE B 1 1  ? -8.23340  7.31304  -0.32610  1.000 9.64265  ? 1   ACE B H3   1 
ATOM   151 N  N    . LEU B 1 2  ? -6.17964  6.95503  1.29248   1.000 7.21614  ? 2   LEU B N    1 
ATOM   152 C  CA   . LEU B 1 2  ? -4.90248  6.50976  1.80989   1.000 7.10668  ? 2   LEU B CA   1 
ATOM   153 C  C    . LEU B 1 2  ? -5.05905  5.43442  2.87649   1.000 6.57704  ? 2   LEU B C    1 
ATOM   154 O  O    . LEU B 1 2  ? -4.27187  4.49657  2.94058   1.000 6.71074  ? 2   LEU B O    1 
ATOM   155 C  CB   . LEU B 1 2  ? -4.17015  7.71408  2.38805   1.000 7.16697  ? 2   LEU B CB   1 
ATOM   156 C  CG   . LEU B 1 2  ? -2.78172  7.44850  2.95361   1.000 8.29593  ? 2   LEU B CG   1 
ATOM   157 C  CD1  . LEU B 1 2  ? -1.81001  7.05014  1.85855   1.000 8.74321  ? 2   LEU B CD1  1 
ATOM   158 C  CD2  . LEU B 1 2  ? -2.29221  8.67597  3.71644   1.000 8.51190  ? 2   LEU B CD2  1 
ATOM   159 H  H    . LEU B 1 2  ? -6.30688  7.80284  1.37701   1.000 8.65937  ? 2   LEU B H    1 
ATOM   160 H  HA   . LEU B 1 2  ? -4.38010  6.11693  1.09316   1.000 8.52802  ? 2   LEU B HA   1 
ATOM   161 H  HB2  . LEU B 1 2  ? -4.07109  8.37357  1.68366   1.000 8.60037  ? 2   LEU B HB2  1 
ATOM   162 H  HB3  . LEU B 1 2  ? -4.70838  8.07688  3.10888   1.000 8.60037  ? 2   LEU B HB3  1 
ATOM   163 H  HG   . LEU B 1 2  ? -2.82328  6.70330  3.57317   1.000 9.95512  ? 2   LEU B HG   1 
ATOM   164 H  HD11 . LEU B 1 2  ? -0.92665  6.94166  2.24430   1.000 10.49185 ? 2   LEU B HD11 1 
ATOM   165 H  HD12 . LEU B 1 2  ? -2.10383  6.21391  1.46446   1.000 10.49185 ? 2   LEU B HD12 1 
ATOM   166 H  HD13 . LEU B 1 2  ? -1.79281  7.74611  1.18309   1.000 10.49185 ? 2   LEU B HD13 1 
ATOM   167 H  HD21 . LEU B 1 2  ? -1.42012  8.48502  4.09576   1.000 10.21428 ? 2   LEU B HD21 1 
ATOM   168 H  HD22 . LEU B 1 2  ? -2.22934  9.42472  3.10297   1.000 10.21428 ? 2   LEU B HD22 1 
ATOM   169 H  HD23 . LEU B 1 2  ? -2.92322  8.88034  4.42421   1.000 10.21428 ? 2   LEU B HD23 1 
HETATM 170 N  N    . AIB B 1 3  ? -6.06329  5.58558  3.72690   1.000 7.29137  ? 3   AIB B N    1 
HETATM 171 C  CA   . AIB B 1 3  ? -6.34908  4.61994  4.75440   1.000 7.62713  ? 3   AIB B CA   1 
HETATM 172 C  C    . AIB B 1 3  ? -6.40835  3.19676  4.20078   1.000 6.52651  ? 3   AIB B C    1 
HETATM 173 O  O    . AIB B 1 3  ? -5.74508  2.25665  4.66405   1.000 7.44983  ? 3   AIB B O    1 
HETATM 174 C  CB1  . AIB B 1 3  ? -5.27288  4.67772  5.85271   1.000 8.22849  ? 3   AIB B CB1  1 
HETATM 175 C  CB2  . AIB B 1 3  ? -7.69851  4.92602  5.42148   1.000 8.33641  ? 3   AIB B CB2  1 
HETATM 176 H  H    . AIB B 1 3  ? -6.46820  6.46920  3.96620   1.000 8.74965  ? 3   AIB B H    1 
HETATM 177 H  HB11 . AIB B 1 3  ? -5.25476  5.69615  6.30870   1.000 9.87419  ? 3   AIB B HB11 1 
HETATM 178 H  HB12 . AIB B 1 3  ? -4.27238  4.45470  5.41141   1.000 9.87419  ? 3   AIB B HB12 1 
HETATM 179 H  HB13 . AIB B 1 3  ? -5.50177  3.92472  6.64394   1.000 9.87419  ? 3   AIB B HB13 1 
HETATM 180 H  HB21 . AIB B 1 3  ? -7.87475  4.18972  6.24275   1.000 10.00369 ? 3   AIB B HB21 1 
HETATM 181 H  HB22 . AIB B 1 3  ? -8.50967  4.84467  4.65788   1.000 10.00369 ? 3   AIB B HB22 1 
HETATM 182 H  HB23 . AIB B 1 3  ? -7.67240  5.96170  5.83903   1.000 10.00369 ? 3   AIB B HB23 1 
ATOM   183 N  N    . GLU B 1 4  ? -7.23655  3.04522  3.17354   1.000 7.12156  ? 4   GLU B N    1 
ATOM   184 C  CA   . GLU B 1 4  ? -7.42031  1.75327  2.52176   1.000 8.06435  ? 4   GLU B CA   1 
ATOM   185 C  C    . GLU B 1 4  ? -6.12179  1.24096  1.94568   1.000 7.15130  ? 4   GLU B C    1 
ATOM   186 O  O    . GLU B 1 4  ? -5.78370  0.07581  2.09130   1.000 8.87666  ? 4   GLU B O    1 
ATOM   187 C  CB   . GLU B 1 4  ? -8.42984  1.86113  1.38340   1.000 8.84417  ? 4   GLU B CB   1 
ATOM   188 C  CG   . GLU B 1 4  ? -9.86584  1.80462  1.84573   1.000 9.56972  ? 4   GLU B CG   1 
ATOM   189 C  CD   . GLU B 1 4  ? -10.42370 3.15881  2.24794   1.000 9.62734  ? 4   GLU B CD   1 
ATOM   190 O  OE1  . GLU B 1 4  ? -9.64522  4.13483  2.35898   1.000 10.33700 ? 4   GLU B OE1  1 
ATOM   191 O  OE2  . GLU B 1 4  ? -11.65244 3.24315  2.47473   1.000 9.92729  ? 4   GLU B OE2  1 
ATOM   192 H  H    . GLU B 1 4  ? -7.70703  3.67925  2.83258   1.000 8.54587  ? 4   GLU B H    1 
ATOM   193 H  HA   . GLU B 1 4  ? -7.74799  1.12717  3.18623   1.000 9.67722  ? 4   GLU B HA   1 
ATOM   194 H  HB2  . GLU B 1 4  ? -8.29749  2.70671  0.92689   1.000 10.61300 ? 4   GLU B HB2  1 
ATOM   195 H  HB3  . GLU B 1 4  ? -8.28660  1.12561  0.76744   1.000 10.61300 ? 4   GLU B HB3  1 
ATOM   196 H  HG2  . GLU B 1 4  ? -10.41438 1.45969  1.12391   1.000 11.48367 ? 4   GLU B HG2  1 
ATOM   197 H  HG3  . GLU B 1 4  ? -9.92441  1.21829  2.61624   1.000 11.48367 ? 4   GLU B HG3  1 
HETATM 198 N  N    . AIB B 1 5  ? -5.42113  2.11411  1.25320   1.000 6.72196  ? 5   AIB B N    1 
HETATM 199 C  CA   . AIB B 1 5  ? -4.20340  1.76259  0.58019   1.000 7.29955  ? 5   AIB B CA   1 
HETATM 200 C  C    . AIB B 1 5  ? -3.17219  1.18428  1.56799   1.000 7.22904  ? 5   AIB B C    1 
HETATM 201 O  O    . AIB B 1 5  ? -2.55616  0.14028  1.34213   1.000 7.53410  ? 5   AIB B O    1 
HETATM 202 C  CB1  . AIB B 1 5  ? -4.43814  0.71650  -0.53301  1.000 8.71609  ? 5   AIB B CB1  1 
HETATM 203 C  CB2  . AIB B 1 5  ? -3.63247  3.02909  -0.06778  1.000 7.51587  ? 5   AIB B CB2  1 
HETATM 204 H  H    . AIB B 1 5  ? -5.45206  3.10318  1.40412   1.000 8.06635  ? 5   AIB B H    1 
HETATM 205 H  HB11 . AIB B 1 5  ? -5.15767  1.12110  -1.28403  1.000 10.45931 ? 5   AIB B HB11 1 
HETATM 206 H  HB12 . AIB B 1 5  ? -4.85674  -0.21797 -0.08916  1.000 10.45931 ? 5   AIB B HB12 1 
HETATM 207 H  HB13 . AIB B 1 5  ? -3.47153  0.48211  -1.03913  1.000 10.45931 ? 5   AIB B HB13 1 
HETATM 208 H  HB21 . AIB B 1 5  ? -2.94588  2.73598  -0.89868  1.000 9.01904  ? 5   AIB B HB21 1 
HETATM 209 H  HB22 . AIB B 1 5  ? -3.07017  3.61104  0.70217   1.000 9.01904  ? 5   AIB B HB22 1 
HETATM 210 H  HB23 . AIB B 1 5  ? -4.47379  3.64435  -0.46943  1.000 9.01904  ? 5   AIB B HB23 1 
ATOM   211 N  N    . LEU B 1 6  ? -3.00930  1.86989  2.70335   1.000 6.51461  ? 6   LEU B N    1 
ATOM   212 C  CA   . LEU B 1 6  ? -2.02398  1.45427  3.69672   1.000 7.37304  ? 6   LEU B CA   1 
ATOM   213 C  C    . LEU B 1 6  ? -2.46001  0.20689  4.44663   1.000 8.06291  ? 6   LEU B C    1 
ATOM   214 O  O    . LEU B 1 6  ? -1.65355  -0.68687 4.66998   1.000 8.62199  ? 6   LEU B O    1 
ATOM   215 C  CB   . LEU B 1 6  ? -1.76132  2.58494  4.69173   1.000 7.69839  ? 6   LEU B CB   1 
ATOM   216 C  CG   . LEU B 1 6  ? -1.00744  3.78439  4.11994   1.000 8.06263  ? 6   LEU B CG   1 
ATOM   217 C  CD1  . LEU B 1 6  ? -0.88080  4.88155  5.14149   1.000 8.84083  ? 6   LEU B CD1  1 
ATOM   218 C  CD2  . LEU B 1 6  ? 0.37554   3.37403  3.64623   1.000 9.86177  ? 6   LEU B CD2  1 
ATOM   219 H  H    . LEU B 1 6  ? -3.45533  2.57340  2.91717   1.000 7.81753  ? 6   LEU B H    1 
ATOM   220 H  HA   . LEU B 1 6  ? -1.19760  1.24486  3.23398   1.000 8.84765  ? 6   LEU B HA   1 
ATOM   221 H  HB2  . LEU B 1 6  ? -2.61461  2.90710  5.02186   1.000 9.23807  ? 6   LEU B HB2  1 
ATOM   222 H  HB3  . LEU B 1 6  ? -1.23390  2.23150  5.42509   1.000 9.23807  ? 6   LEU B HB3  1 
ATOM   223 H  HG   . LEU B 1 6  ? -1.51138  4.12349  3.36367   1.000 9.67516  ? 6   LEU B HG   1 
ATOM   224 H  HD11 . LEU B 1 6  ? -0.39292  5.62287  4.74991   1.000 10.60900 ? 6   LEU B HD11 1 
ATOM   225 H  HD12 . LEU B 1 6  ? -1.76810  5.17179  5.40484   1.000 10.60900 ? 6   LEU B HD12 1 
ATOM   226 H  HD13 . LEU B 1 6  ? -0.40163  4.54092  5.91301   1.000 10.60900 ? 6   LEU B HD13 1 
ATOM   227 H  HD21 . LEU B 1 6  ? 0.88303   4.17067  3.42547   1.000 11.83412 ? 6   LEU B HD21 1 
ATOM   228 H  HD22 . LEU B 1 6  ? 0.82019   2.88470  4.35599   1.000 11.83412 ? 6   LEU B HD22 1 
ATOM   229 H  HD23 . LEU B 1 6  ? 0.28636   2.81066  2.86166   1.000 11.83412 ? 6   LEU B HD23 1 
ATOM   230 N  N    . HIS B 1 7  ? -3.72931  0.13156  4.83732   1.000 8.04380  ? 7   HIS B N    1 
ATOM   231 C  CA   . HIS B 1 7  ? -4.20799  -1.05564 5.52773   1.000 8.78701  ? 7   HIS B CA   1 
ATOM   232 C  C    . HIS B 1 7  ? -4.06813  -2.28066 4.63729   1.000 9.32862  ? 7   HIS B C    1 
ATOM   233 O  O    . HIS B 1 7  ? -3.70657  -3.36342 5.10978   1.000 11.08710 ? 7   HIS B O    1 
ATOM   234 C  CB   . HIS B 1 7  ? -5.65094  -0.84412 5.99956   1.000 9.09668  ? 7   HIS B CB   1 
ATOM   235 C  CG   . HIS B 1 7  ? -5.74900  -0.14451 7.32515   1.000 9.47554  ? 7   HIS B CG   1 
ATOM   236 N  ND1  . HIS B 1 7  ? -5.26952  -0.71994 8.48034   1.000 10.15654 ? 7   HIS B ND1  1 
ATOM   237 C  CD2  . HIS B 1 7  ? -6.23587  1.07014  7.68253   1.000 8.93379  ? 7   HIS B CD2  1 
ATOM   238 C  CE1  . HIS B 1 7  ? -5.45279  0.10314  9.49098   1.000 10.11145 ? 7   HIS B CE1  1 
ATOM   239 N  NE2  . HIS B 1 7  ? -6.04575  1.19786  9.03874   1.000 9.61259  ? 7   HIS B NE2  1 
ATOM   240 H  H    . HIS B 1 7  ? -4.32145  0.74340  4.71637   1.000 9.65256  ? 7   HIS B H    1 
ATOM   241 H  HA   . HIS B 1 7  ? -3.67631  -1.21221 6.32378   1.000 10.54441 ? 7   HIS B HA   1 
ATOM   242 H  HB2  . HIS B 1 7  ? -6.11922  -0.30487 5.34320   1.000 10.91602 ? 7   HIS B HB2  1 
ATOM   243 H  HB3  . HIS B 1 7  ? -6.08184  -1.70877 6.08690   1.000 10.91602 ? 7   HIS B HB3  1 
ATOM   244 H  HD1  . HIS B 1 7  ? -4.90614  -1.49759 8.53343   1.000 12.18784 ? 7   HIS B HD1  1 
ATOM   245 H  HD2  . HIS B 1 7  ? -6.62478  1.69795  7.11728   1.000 10.72055 ? 7   HIS B HD2  1 
ATOM   246 H  HE1  . HIS B 1 7  ? -5.20739  -0.05691 10.37363  1.000 12.13374 ? 7   HIS B HE1  1 
ATOM   247 N  N    . GLY B 1 8  ? -4.32447  -2.12412 3.34256   1.000 9.02573  ? 8   GLY B N    1 
ATOM   248 C  CA   . GLY B 1 8  ? -4.22634  -3.22279 2.40129   1.000 8.96685  ? 8   GLY B CA   1 
ATOM   249 C  C    . GLY B 1 8  ? -2.78881  -3.61430 2.13255   1.000 8.01244  ? 8   GLY B C    1 
ATOM   250 O  O    . GLY B 1 8  ? -2.44970  -4.79231 2.14624   1.000 8.76616  ? 8   GLY B O    1 
ATOM   251 H  H    . GLY B 1 8  ? -4.56021  -1.37914 2.98335   1.000 10.83087 ? 8   GLY B H    1 
ATOM   252 H  HA2  . GLY B 1 8  ? -4.69369  -3.99466 2.75723   1.000 10.76022 ? 8   GLY B HA2  1 
ATOM   253 H  HA3  . GLY B 1 8  ? -4.63682  -2.96482 1.56113   1.000 10.76022 ? 8   GLY B HA3  1 
HETATM 254 N  N    . AIB B 1 9  ? -1.95574  -2.63047 1.82895   1.000 7.57470  ? 9   AIB B N    1 
HETATM 255 C  CA   . AIB B 1 9  ? -0.54301  -2.83445 1.58453   1.000 8.25245  ? 9   AIB B CA   1 
HETATM 256 C  C    . AIB B 1 9  ? 0.18754   -3.62445 2.67111   1.000 7.96567  ? 9   AIB B C    1 
HETATM 257 O  O    . AIB B 1 9  ? 1.02283   -4.49619 2.44806   1.000 8.53807  ? 9   AIB B O    1 
HETATM 258 C  CB1  . AIB B 1 9  ? -0.30012  -3.63306 0.29145   1.000 9.25574  ? 9   AIB B CB1  1 
HETATM 259 C  CB2  . AIB B 1 9  ? 0.19509   -1.49436 1.45460   1.000 9.62957  ? 9   AIB B CB2  1 
HETATM 260 H  H    . AIB B 1 9  ? -2.24310  -1.76883 1.40824   1.000 9.08964  ? 9   AIB B H    1 
HETATM 261 H  HB11 . AIB B 1 9  ? -0.77258  -3.10556 -0.57108  1.000 11.10689 ? 9   AIB B HB11 1 
HETATM 262 H  HB12 . AIB B 1 9  ? -0.74621  -4.65141 0.38861   1.000 11.10689 ? 9   AIB B HB12 1 
HETATM 263 H  HB13 . AIB B 1 9  ? 0.79662   -3.72814 0.10818   1.000 11.10689 ? 9   AIB B HB13 1 
HETATM 264 H  HB21 . AIB B 1 9  ? 1.12519   -1.64683 0.85515   1.000 11.55548 ? 9   AIB B HB21 1 
HETATM 265 H  HB22 . AIB B 1 9  ? 0.45734   -1.12199 2.47454   1.000 11.55548 ? 9   AIB B HB22 1 
HETATM 266 H  HB23 . AIB B 1 9  ? -0.47122  -0.75918 0.94155   1.000 11.55548 ? 9   AIB B HB23 1 
ATOM   267 N  N    . LEU B 1 10 ? -0.14069  -3.28527 3.90833   1.000 8.25039  ? 10  LEU B N    1 
ATOM   268 C  CA   . LEU B 1 10 ? 0.60615   -3.84191 5.02416   1.000 9.30052  ? 10  LEU B CA   1 
ATOM   269 C  C    . LEU B 1 10 ? -0.00142  -5.14547 5.51097   1.000 9.96848  ? 10  LEU B C    1 
ATOM   270 O  O    . LEU B 1 10 ? 0.64804   -5.90930 6.22120   1.000 10.81364 ? 10  LEU B O    1 
ATOM   271 C  CB   . LEU B 1 10 ? 0.70014   -2.82792 6.17398   1.000 10.52693 ? 10  LEU B CB   1 
ATOM   272 C  CG   . LEU B 1 10 ? 1.87872   -1.84917 6.10815   1.000 11.45122 ? 10  LEU B CG   1 
ATOM   273 C  CD1  . LEU B 1 10 ? 3.21575   -2.59101 6.17642   1.000 11.55884 ? 10  LEU B CD1  1 
ATOM   274 C  CD2  . LEU B 1 10 ? 1.79983   -0.95963 4.86574   1.000 11.97511 ? 10  LEU B CD2  1 
ATOM   275 H  H    . LEU B 1 10 ? -0.77668  -2.74751 4.12268   1.000 9.90047  ? 10  LEU B H    1 
ATOM   276 H  HA   . LEU B 1 10 ? 1.50820   -4.03732 4.72580   1.000 11.16062 ? 10  LEU B HA   1 
ATOM   277 H  HB2  . LEU B 1 10 ? -0.11307  -2.29919 6.17882   1.000 12.63232 ? 10  LEU B HB2  1 
ATOM   278 H  HB3  . LEU B 1 10 ? 0.78086   -3.32002 7.00597   1.000 12.63232 ? 10  LEU B HB3  1 
ATOM   279 H  HG   . LEU B 1 10 ? 1.83011   -1.26445 6.88058   1.000 13.74146 ? 10  LEU B HG   1 
ATOM   280 H  HD11 . LEU B 1 10 ? 3.92804   -1.94644 6.31087   1.000 13.87061 ? 10  LEU B HD11 1 
ATOM   281 H  HD12 . LEU B 1 10 ? 3.19208   -3.21710 6.91693   1.000 13.87061 ? 10  LEU B HD12 1 
ATOM   282 H  HD13 . LEU B 1 10 ? 3.35474   -3.06870 5.34371   1.000 13.87061 ? 10  LEU B HD13 1 
ATOM   283 H  HD21 . LEU B 1 10 ? 2.42710   -0.22606 4.96222   1.000 14.37013 ? 10  LEU B HD21 1 
ATOM   284 H  HD22 . LEU B 1 10 ? 2.02620   -1.48781 4.08429   1.000 14.37013 ? 10  LEU B HD22 1 
ATOM   285 H  HD23 . LEU B 1 10 ? 0.89734   -0.61422 4.78144   1.000 14.37013 ? 10  LEU B HD23 1 
HETATM 286 N  N    . NH2 B 1 11 ? -1.26916  -5.55133 4.99561   1.000 11.03080 ? 11  NH2 B N    1 
HETATM 287 H  HN1  . NH2 B 1 11 ? -1.86339  -4.92003 4.79706   1.000 13.23696 ? 11  NH2 B HN1  1 
HETATM 288 H  HN2  . NH2 B 1 11 ? -1.17392  -6.03486 4.25530   1.000 13.23696 ? 11  NH2 B HN2  1 
HETATM 289 CO CO   . CO  C 2 .  ? -6.27075  2.96660  10.10818  1.000 9.29446  ? 101 CO  B CO   1 
HETATM 290 O  O    . HOH D 3 .  ? 5.66240   0.60261  -8.57228  1.000 25.06606 ? 101 HOH A O    1 
HETATM 291 O  O    . HOH D 3 .  ? 4.12470   9.02720  -2.69375  1.000 23.24827 ? 102 HOH A O    1 
HETATM 292 O  O    . HOH E 3 .  ? -4.12545  -6.93757 2.47937   1.000 25.01412 ? 201 HOH B O    1 
HETATM 293 O  O    . HOH E 3 .  ? -2.97944  -7.85820 5.17816   1.000 20.22960 ? 202 HOH B O    1 
HETATM 294 O  O    . HOH E 3 .  ? -6.38277  -6.56184 1.16896   1.000 20.72752 ? 203 HOH B O    1 
# 
loop_
_atom_site_anisotrop.id 
_atom_site_anisotrop.type_symbol 
_atom_site_anisotrop.pdbx_label_atom_id 
_atom_site_anisotrop.pdbx_label_alt_id 
_atom_site_anisotrop.pdbx_label_comp_id 
_atom_site_anisotrop.pdbx_label_asym_id 
_atom_site_anisotrop.pdbx_label_seq_id 
_atom_site_anisotrop.pdbx_PDB_ins_code 
_atom_site_anisotrop.U[1][1] 
_atom_site_anisotrop.U[2][2] 
_atom_site_anisotrop.U[3][3] 
_atom_site_anisotrop.U[1][2] 
_atom_site_anisotrop.U[1][3] 
_atom_site_anisotrop.U[2][3] 
_atom_site_anisotrop.pdbx_auth_seq_id 
_atom_site_anisotrop.pdbx_auth_comp_id 
_atom_site_anisotrop.pdbx_auth_asym_id 
_atom_site_anisotrop.pdbx_auth_atom_id 
1   C  C   . ACE A 1  ? 0.10304 0.07930 0.10815 -0.01231 -0.00085 -0.02951 1   ACE A C   
2   O  O   . ACE A 1  ? 0.11435 0.06996 0.11014 0.00389  -0.00424 -0.01436 1   ACE A O   
7   N  N   . LEU A 2  ? 0.11772 0.06883 0.10402 -0.00164 0.00348  -0.02515 2   LEU A N   
8   C  CA  . LEU A 2  ? 0.11203 0.06718 0.11072 0.00176  0.00930  -0.01970 2   LEU A CA  
9   C  C   . LEU A 2  ? 0.10437 0.05305 0.11426 0.00169  0.01936  -0.00263 2   LEU A C   
10  O  O   . LEU A 2  ? 0.09375 0.06399 0.12547 0.00269  0.01451  -0.00859 2   LEU A O   
11  C  CB  . LEU A 2  ? 0.13166 0.06499 0.11745 -0.00755 0.00494  -0.00672 2   LEU A CB  
12  C  CG  . LEU A 2  ? 0.13019 0.08910 0.12156 -0.01455 0.00540  -0.00340 2   LEU A CG  
13  C  CD1 . LEU A 2  ? 0.14142 0.12951 0.12642 -0.02177 0.02614  -0.02459 2   LEU A CD1 
14  C  CD2 . LEU A 2  ? 0.14246 0.11689 0.11790 -0.00057 0.00255  0.00198  2   LEU A CD2 
26  N  N   . AIB A 3  ? 0.12233 0.06089 0.14478 0.01158  0.05281  -0.00513 3   AIB A N   
27  C  CA  . AIB A 3  ? 0.13244 0.06673 0.16043 0.00230  0.06926  0.00016  3   AIB A CA  
28  C  C   . AIB A 3  ? 0.12630 0.06689 0.14153 -0.00672 0.07172  -0.00187 3   AIB A C   
29  O  O   . AIB A 3  ? 0.14692 0.06774 0.16352 -0.00893 0.08217  -0.01139 3   AIB A O   
30  C  CB1 . AIB A 3  ? 0.11920 0.09427 0.17890 0.00470  0.06353  0.00535  3   AIB A CB1 
31  C  CB2 . AIB A 3  ? 0.14104 0.08119 0.18774 -0.00431 0.08928  -0.02236 3   AIB A CB2 
39  N  N   . GLU A 4  ? 0.13171 0.06331 0.11448 -0.00558 0.04783  0.00380  4   GLU A N   
40  C  CA  . GLU A 4  ? 0.13335 0.09534 0.09018 -0.01346 0.03107  0.00555  4   GLU A CA  
41  C  C   . GLU A 4  ? 0.10440 0.08658 0.09003 -0.00335 0.00348  -0.00441 4   GLU A C   
42  O  O   . GLU A 4  ? 0.12381 0.09207 0.11152 -0.00075 0.01492  -0.00428 4   GLU A O   
43  C  CB  . GLU A 4  ? 0.13554 0.13384 0.11205 -0.01627 0.03445  0.00339  4   GLU A CB  
44  C  CG  . GLU A 4  ? 0.13739 0.15073 0.13915 -0.00987 0.03047  0.00752  4   GLU A CG  
45  C  CD  . GLU A 4  ? 0.13209 0.15506 0.13782 0.00287  0.01686  0.00521  4   GLU A CD  
46  O  OE1 . GLU A 4  ? 0.11497 0.17784 0.13705 0.01670  0.00914  0.00585  4   GLU A OE1 
47  O  OE2 . GLU A 4  ? 0.14793 0.14336 0.11549 0.01227  0.00877  0.01623  4   GLU A OE2 
54  N  N   . AIB A 5  ? 0.09845 0.06925 0.09654 -0.00080 0.00607  -0.00738 5   AIB A N   
55  C  CA  . AIB A 5  ? 0.09299 0.07793 0.09601 0.00500  0.00467  -0.01346 5   AIB A CA  
56  C  C   . AIB A 5  ? 0.09473 0.07325 0.09682 0.00393  0.00992  -0.00902 5   AIB A C   
57  O  O   . AIB A 5  ? 0.09565 0.06475 0.11386 0.01732  0.00495  -0.01772 5   AIB A O   
58  C  CB1 . AIB A 5  ? 0.09762 0.08555 0.11209 0.00768  -0.00290 -0.02281 5   AIB A CB1 
59  C  CB2 . AIB A 5  ? 0.08629 0.07703 0.10533 0.00302  0.01175  -0.01883 5   AIB A CB2 
67  N  N   . LEU A 6  ? 0.08342 0.08593 0.09228 0.01632  0.00114  -0.00622 6   LEU A N   
68  C  CA  . LEU A 6  ? 0.08585 0.07477 0.10200 0.01305  -0.00126 -0.01623 6   LEU A CA  
69  C  C   . LEU A 6  ? 0.07771 0.07728 0.10686 0.02126  -0.00880 -0.00680 6   LEU A C   
70  O  O   . LEU A 6  ? 0.10190 0.07229 0.11190 0.01331  -0.00691 -0.02297 6   LEU A O   
71  C  CB  . LEU A 6  ? 0.09669 0.08329 0.11874 0.00376  0.00634  -0.02460 6   LEU A CB  
72  C  CG  . LEU A 6  ? 0.10959 0.10064 0.12713 0.00580  0.00839  0.00063  6   LEU A CG  
73  C  CD1 . LEU A 6  ? 0.09273 0.11060 0.12318 0.01843  -0.01040 0.01465  6   LEU A CD1 
74  C  CD2 . LEU A 6  ? 0.12118 0.11351 0.14407 0.00400  0.03611  0.01298  6   LEU A CD2 
86  N  N   . HIS A 7  ? 0.09316 0.07272 0.11528 0.00372  0.00946  -0.00631 7   HIS A N   
87  C  CA  . HIS A 7  ? 0.10304 0.07117 0.12650 0.00262  0.02407  0.00053  7   HIS A CA  
88  C  C   . HIS A 7  ? 0.13649 0.06046 0.14000 0.01260  0.03384  0.00988  7   HIS A C   
89  O  O   . HIS A 7  ? 0.15125 0.07009 0.17816 0.00591  0.05758  -0.01713 7   HIS A O   
90  C  CB  . HIS A 7  ? 0.11191 0.06408 0.11204 -0.00283 0.03373  -0.01031 7   HIS A CB  
91  C  CG  . HIS A 7  ? 0.11789 0.07497 0.13531 -0.00158 0.03525  -0.00350 7   HIS A CG  
92  N  ND1 . HIS A 7  ? 0.11782 0.09865 0.13639 -0.01106 0.03371  -0.02111 7   HIS A ND1 
93  C  CD2 . HIS A 7  ? 0.14046 0.07871 0.14585 -0.00512 0.04494  0.00023  7   HIS A CD2 
94  C  CE1 . HIS A 7  ? 0.11894 0.08830 0.15278 -0.00403 0.03918  -0.01896 7   HIS A CE1 
95  N  NE2 . HIS A 7  ? 0.14272 0.08000 0.16112 -0.00339 0.04860  0.00155  7   HIS A NE2 
103 N  N   . GLY A 8  ? 0.13371 0.07902 0.11917 0.03059  0.01809  0.00257  8   GLY A N   
104 C  CA  . GLY A 8  ? 0.15105 0.09506 0.11942 0.04235  0.01731  0.00049  8   GLY A CA  
105 C  C   . GLY A 8  ? 0.13924 0.08518 0.12874 0.03703  0.00851  -0.00886 8   GLY A C   
106 O  O   . GLY A 8  ? 0.16713 0.09758 0.15684 0.05147  0.02074  0.00135  8   GLY A O   
110 N  N   . AIB A 9  ? 0.11055 0.07622 0.12400 0.02563  -0.00350 -0.02562 9   AIB A N   
111 C  CA  . AIB A 9  ? 0.10581 0.10639 0.14601 0.02366  0.00556  -0.03435 9   AIB A CA  
112 C  C   . AIB A 9  ? 0.10234 0.08040 0.13565 0.02369  -0.02000 -0.02615 9   AIB A C   
113 O  O   . AIB A 9  ? 0.13342 0.06486 0.14293 0.00915  -0.00352 -0.03426 9   AIB A O   
114 C  CB1 . AIB A 9  ? 0.10087 0.13682 0.14675 0.02921  0.01151  -0.06424 9   AIB A CB1 
115 C  CB2 . AIB A 9  ? 0.14880 0.10576 0.15308 -0.00840 0.02786  -0.04268 9   AIB A CB2 
123 N  N   . LEU A 10 ? 0.10901 0.11257 0.15161 0.03143  -0.02023 -0.04450 10  LEU A N   
124 C  CA  . LEU A 10 ? 0.13280 0.12293 0.18284 0.02515  -0.00950 -0.04480 10  LEU A CA  
125 C  C   . LEU A 10 ? 0.14720 0.11097 0.20085 0.02385  0.01105  -0.04908 10  LEU A C   
126 O  O   . LEU A 10 ? 0.16291 0.09573 0.21552 0.01147  0.01963  -0.04399 10  LEU A O   
127 C  CB  . LEU A 10 ? 0.13906 0.14225 0.20153 0.02938  -0.00997 -0.03940 10  LEU A CB  
128 C  CG  . LEU A 10 ? 0.15854 0.16158 0.21197 0.03424  -0.00848 -0.02936 10  LEU A CG  
129 C  CD1 . LEU A 10 ? 0.16974 0.17733 0.21846 0.03472  -0.00536 -0.02838 10  LEU A CD1 
130 C  CD2 . LEU A 10 ? 0.15859 0.16078 0.21249 0.03786  -0.01054 -0.02513 10  LEU A CD2 
142 N  N   . NH2 A 11 ? 0.14420 0.11973 0.21013 0.02490  0.01876  -0.05494 11  NH2 A N   
145 C  C   . ACE B 1  ? 0.08119 0.09416 0.09391 0.02271  -0.01581 -0.00720 1   ACE B C   
146 O  O   . ACE B 1  ? 0.09380 0.05739 0.12753 0.00659  -0.00685 -0.01198 1   ACE B O   
151 N  N   . LEU B 2  ? 0.08716 0.07681 0.11021 0.02030  -0.00451 -0.00425 2   LEU B N   
152 C  CA  . LEU B 2  ? 0.10258 0.07108 0.09636 0.01642  -0.00187 -0.01339 2   LEU B CA  
153 C  C   . LEU B 2  ? 0.09360 0.05136 0.10494 0.01201  0.01118  -0.00254 2   LEU B C   
154 O  O   . LEU B 2  ? 0.08355 0.06066 0.11076 0.01912  0.00722  -0.00818 2   LEU B O   
155 C  CB  . LEU B 2  ? 0.11198 0.05522 0.10512 0.00554  -0.00952 0.00045  2   LEU B CB  
156 C  CG  . LEU B 2  ? 0.11296 0.08120 0.12106 0.00810  -0.00940 -0.00572 2   LEU B CG  
157 C  CD1 . LEU B 2  ? 0.09358 0.11464 0.12399 0.02224  -0.01069 -0.01535 2   LEU B CD1 
158 C  CD2 . LEU B 2  ? 0.11142 0.07330 0.13870 0.00664  -0.01714 -0.00717 2   LEU B CD2 
170 N  N   . AIB B 3  ? 0.09868 0.07056 0.10781 0.01410  0.02397  0.00185  3   AIB B N   
171 C  CA  . AIB B 3  ? 0.10303 0.06715 0.11961 0.00721  0.03540  -0.00113 3   AIB B CA  
172 C  C   . AIB B 3  ? 0.08086 0.06552 0.10160 0.01496  0.01401  0.00554  3   AIB B C   
173 O  O   . AIB B 3  ? 0.09808 0.07181 0.11317 0.01965  0.01641  0.00080  3   AIB B O   
174 C  CB1 . AIB B 3  ? 0.12333 0.07641 0.11292 0.00093  0.05267  -0.00459 3   AIB B CB1 
175 C  CB2 . AIB B 3  ? 0.10414 0.08272 0.12989 0.00758  0.04013  0.00901  3   AIB B CB2 
183 N  N   . GLU B 4  ? 0.08209 0.06987 0.11863 0.01818  0.00843  0.00513  4   GLU B N   
184 C  CA  . GLU B 4  ? 0.08263 0.09071 0.13307 0.00084  0.00894  -0.00605 4   GLU B CA  
185 C  C   . GLU B 4  ? 0.07638 0.08002 0.11532 0.00728  -0.01919 -0.00546 4   GLU B C   
186 O  O   . GLU B 4  ? 0.11754 0.06816 0.15157 0.00369  0.00653  0.00250  4   GLU B O   
187 C  CB  . GLU B 4  ? 0.09549 0.10125 0.13931 0.00199  0.01147  -0.00794 4   GLU B CB  
188 C  CG  . GLU B 4  ? 0.10915 0.10485 0.14959 -0.00231 0.01420  -0.00926 4   GLU B CG  
189 C  CD  . GLU B 4  ? 0.11062 0.09686 0.15832 -0.00119 0.02048  0.00402  4   GLU B CD  
190 O  OE1 . GLU B 4  ? 0.11824 0.10511 0.16941 0.00713  0.02578  0.00055  4   GLU B OE1 
191 O  OE2 . GLU B 4  ? 0.09777 0.10941 0.17001 -0.01219 0.01789  -0.01329 4   GLU B OE2 
198 N  N   . AIB B 5  ? 0.07344 0.07963 0.10233 0.01209  -0.03148 -0.01655 5   AIB B N   
199 C  CA  . AIB B 5  ? 0.09848 0.07338 0.10549 0.01749  -0.01765 -0.01393 5   AIB B CA  
200 C  C   . AIB B 5  ? 0.09267 0.07969 0.10231 0.01922  -0.01587 -0.01718 5   AIB B C   
201 O  O   . AIB B 5  ? 0.09719 0.07023 0.11884 0.03136  -0.00670 -0.02200 5   AIB B O   
202 C  CB1 . AIB B 5  ? 0.11260 0.08934 0.12922 0.01623  -0.00867 -0.02650 5   AIB B CB1 
203 C  CB2 . AIB B 5  ? 0.11462 0.07032 0.10062 0.01918  -0.01142 -0.00895 5   AIB B CB2 
211 N  N   . LEU B 6  ? 0.07538 0.06291 0.10923 0.02402  -0.02432 -0.01353 6   LEU B N   
212 C  CA  . LEU B 6  ? 0.09160 0.08014 0.10840 0.02589  -0.00843 -0.01684 6   LEU B CA  
213 C  C   . LEU B 6  ? 0.11374 0.07563 0.11698 0.02625  0.00479  -0.00088 6   LEU B C   
214 O  O   . LEU B 6  ? 0.10982 0.07892 0.13888 0.02361  0.00507  0.00120  6   LEU B O   
215 C  CB  . LEU B 6  ? 0.10535 0.08109 0.10606 0.01021  -0.00959 -0.01240 6   LEU B CB  
216 C  CG  . LEU B 6  ? 0.11403 0.09981 0.09250 0.00088  -0.00783 -0.01048 6   LEU B CG  
217 C  CD1 . LEU B 6  ? 0.12766 0.11008 0.09817 -0.00306 0.00180  -0.02620 6   LEU B CD1 
218 C  CD2 . LEU B 6  ? 0.13693 0.12210 0.11567 -0.00709 0.02345  -0.02664 6   LEU B CD2 
230 N  N   . HIS B 7  ? 0.11432 0.07222 0.11909 0.02439  0.00964  0.00118  7   HIS B N   
231 C  CA  . HIS B 7  ? 0.12873 0.07488 0.13025 0.02697  0.02288  0.00543  7   HIS B CA  
232 C  C   . HIS B 7  ? 0.13900 0.06860 0.14684 0.01836  0.01895  0.00113  7   HIS B C   
233 O  O   . HIS B 7  ? 0.17837 0.08616 0.15673 0.01718  0.03093  -0.00633 7   HIS B O   
234 C  CB  . HIS B 7  ? 0.12703 0.07885 0.13976 0.02199  0.02912  0.00824  7   HIS B CB  
235 C  CG  . HIS B 7  ? 0.12790 0.08841 0.14371 0.01856  0.02386  0.00585  7   HIS B CG  
236 N  ND1 . HIS B 7  ? 0.14227 0.09839 0.14524 0.00418  0.01900  0.02606  7   HIS B ND1 
237 C  CD2 . HIS B 7  ? 0.12791 0.08462 0.12691 0.01406  0.01592  -0.00441 7   HIS B CD2 
238 C  CE1 . HIS B 7  ? 0.13864 0.13567 0.10988 -0.00890 0.01508  0.00496  7   HIS B CE1 
239 N  NE2 . HIS B 7  ? 0.13770 0.09828 0.12925 -0.00159 0.01917  -0.01199 7   HIS B NE2 
247 N  N   . GLY B 8  ? 0.11314 0.08270 0.14709 0.01745  0.01495  -0.00839 8   GLY B N   
248 C  CA  . GLY B 8  ? 0.10226 0.09920 0.13924 0.01444  0.00544  -0.02394 8   GLY B CA  
249 C  C   . GLY B 8  ? 0.10500 0.06345 0.13599 0.00951  0.00021  -0.01437 8   GLY B C   
250 O  O   . GLY B 8  ? 0.11482 0.06987 0.14837 0.00615  0.00374  -0.01373 8   GLY B O   
254 N  N   . AIB B 9  ? 0.09763 0.07255 0.11763 0.02805  -0.00404 -0.01398 9   AIB B N   
255 C  CA  . AIB B 9  ? 0.10055 0.08257 0.13043 0.04200  0.00332  -0.01339 9   AIB B CA  
256 C  C   . AIB B 9  ? 0.10464 0.06762 0.13040 0.02657  -0.01532 -0.01881 9   AIB B C   
257 O  O   . AIB B 9  ? 0.10617 0.07179 0.14644 0.02834  -0.00570 -0.02018 9   AIB B O   
258 C  CB1 . AIB B 9  ? 0.11255 0.11424 0.12488 0.04336  0.00572  -0.01084 9   AIB B CB1 
259 C  CB2 . AIB B 9  ? 0.10461 0.09895 0.16232 0.02840  0.01914  -0.01180 9   AIB B CB2 
267 N  N   . LEU B 10 ? 0.10644 0.08372 0.12332 0.03203  -0.03058 -0.01614 10  LEU B N   
268 C  CA  . LEU B 10 ? 0.13541 0.07799 0.13998 0.04094  -0.02875 -0.00786 10  LEU B CA  
269 C  C   . LEU B 10 ? 0.14468 0.09802 0.13606 0.04837  -0.02276 -0.01355 10  LEU B C   
270 O  O   . LEU B 10 ? 0.16323 0.08669 0.16095 0.04072  -0.00242 -0.01069 10  LEU B O   
271 C  CB  . LEU B 10 ? 0.15925 0.08541 0.15531 0.03619  -0.02747 -0.02196 10  LEU B CB  
272 C  CG  . LEU B 10 ? 0.15577 0.10690 0.17242 0.03412  -0.03396 -0.03670 10  LEU B CG  
273 C  CD1 . LEU B 10 ? 0.14155 0.12684 0.17080 0.03089  -0.04914 -0.04128 10  LEU B CD1 
274 C  CD2 . LEU B 10 ? 0.16279 0.11081 0.18140 0.03781  -0.02553 -0.03863 10  LEU B CD2 
286 N  N   . NH2 B 11 ? 0.14670 0.11890 0.15352 0.04035  -0.01174 -0.02600 11  NH2 B N   
289 CO CO  . CO  C .  ? 0.10416 0.10925 0.13974 0.00010  0.03484  0.00560  101 CO  B CO  
290 O  O   . HOH D .  ? 0.43616 0.27724 0.23898 -0.18592 0.01810  0.03395  101 HOH A O   
291 O  O   . HOH D .  ? 0.24665 0.25976 0.37691 0.05045  -0.05590 -0.00909 102 HOH A O   
292 O  O   . HOH E .  ? 0.25072 0.16670 0.53300 -0.03992 -0.04705 0.08396  201 HOH B O   
293 O  O   . HOH E .  ? 0.17625 0.12519 0.46719 0.01401  0.04073  -0.02259 202 HOH B O   
294 O  O   . HOH E .  ? 0.42649 0.15274 0.20831 -0.08299 -0.00428 0.04275  203 HOH B O   
# 
